data_3P4C
# 
_entry.id   3P4C 
# 
_audit_conform.dict_name       mmcif_pdbx.dic 
_audit_conform.dict_version    5.387 
_audit_conform.dict_location   http://mmcif.pdb.org/dictionaries/ascii/mmcif_pdbx.dic 
# 
loop_
_database_2.database_id 
_database_2.database_code 
_database_2.pdbx_database_accession 
_database_2.pdbx_DOI 
PDB   3P4C         pdb_00003p4c 10.2210/pdb3p4c/pdb 
NDB   NA0811       ?            ?                   
RCSB  RCSB061939   ?            ?                   
WWPDB D_1000061939 ?            ?                   
# 
loop_
_pdbx_audit_revision_history.ordinal 
_pdbx_audit_revision_history.data_content_type 
_pdbx_audit_revision_history.major_revision 
_pdbx_audit_revision_history.minor_revision 
_pdbx_audit_revision_history.revision_date 
1 'Structure model' 1 0 2011-01-05 
2 'Structure model' 1 1 2011-07-13 
3 'Structure model' 1 2 2017-11-08 
4 'Structure model' 1 3 2020-06-24 
5 'Structure model' 1 4 2024-02-21 
# 
_pdbx_audit_revision_details.ordinal             1 
_pdbx_audit_revision_details.revision_ordinal    1 
_pdbx_audit_revision_details.data_content_type   'Structure model' 
_pdbx_audit_revision_details.provider            repository 
_pdbx_audit_revision_details.type                'Initial release' 
_pdbx_audit_revision_details.description         ? 
_pdbx_audit_revision_details.details             ? 
# 
loop_
_pdbx_audit_revision_group.ordinal 
_pdbx_audit_revision_group.revision_ordinal 
_pdbx_audit_revision_group.data_content_type 
_pdbx_audit_revision_group.group 
1 2 'Structure model' 'Version format compliance' 
2 3 'Structure model' 'Refinement description'    
3 4 'Structure model' 'Database references'       
4 4 'Structure model' 'Derived calculations'      
5 4 'Structure model' 'Source and taxonomy'       
6 5 'Structure model' 'Data collection'           
7 5 'Structure model' 'Database references'       
8 5 'Structure model' 'Derived calculations'      
# 
loop_
_pdbx_audit_revision_category.ordinal 
_pdbx_audit_revision_category.revision_ordinal 
_pdbx_audit_revision_category.data_content_type 
_pdbx_audit_revision_category.category 
1 3 'Structure model' software            
2 4 'Structure model' pdbx_entity_src_syn 
3 4 'Structure model' struct_conn         
4 4 'Structure model' struct_ref          
5 4 'Structure model' struct_ref_seq      
6 5 'Structure model' chem_comp_atom      
7 5 'Structure model' chem_comp_bond      
8 5 'Structure model' database_2          
9 5 'Structure model' struct_site         
# 
loop_
_pdbx_audit_revision_item.ordinal 
_pdbx_audit_revision_item.revision_ordinal 
_pdbx_audit_revision_item.data_content_type 
_pdbx_audit_revision_item.item 
1  3 'Structure model' '_software.name'                           
2  4 'Structure model' '_pdbx_entity_src_syn.ncbi_taxonomy_id'    
3  4 'Structure model' '_pdbx_entity_src_syn.organism_scientific' 
4  4 'Structure model' '_pdbx_entity_src_syn.pdbx_beg_seq_num'    
5  4 'Structure model' '_pdbx_entity_src_syn.pdbx_end_seq_num'    
6  4 'Structure model' '_struct_conn.pdbx_leaving_atom_flag'      
7  5 'Structure model' '_database_2.pdbx_DOI'                     
8  5 'Structure model' '_database_2.pdbx_database_accession'      
9  5 'Structure model' '_struct_site.pdbx_auth_asym_id'           
10 5 'Structure model' '_struct_site.pdbx_auth_comp_id'           
11 5 'Structure model' '_struct_site.pdbx_auth_seq_id'            
# 
_pdbx_database_status.status_code                     REL 
_pdbx_database_status.entry_id                        3P4C 
_pdbx_database_status.recvd_initial_deposition_date   2010-10-06 
_pdbx_database_status.deposit_site                    RCSB 
_pdbx_database_status.process_site                    RCSB 
_pdbx_database_status.status_code_sf                  REL 
_pdbx_database_status.status_code_mr                  ? 
_pdbx_database_status.SG_entry                        ? 
_pdbx_database_status.status_code_cs                  ? 
_pdbx_database_status.pdb_format_compatible           Y 
_pdbx_database_status.methods_development_category    ? 
_pdbx_database_status.status_code_nmr_data            ? 
# 
loop_
_pdbx_database_related.db_name 
_pdbx_database_related.db_id 
_pdbx_database_related.details 
_pdbx_database_related.content_type 
PDB 3P4B . unspecified 
PDB 3P4D . unspecified 
# 
loop_
_audit_author.name 
_audit_author.pdbx_ordinal 
'Pallan, P.S.'  1 
'Greene, E.M.'  2 
'Jicman, P.A.'  3 
'Pandey, R.K.'  4 
'Manoharan, M.' 5 
'Rozners, E.'   6 
'Egli, M.'      7 
# 
_citation.id                        primary 
_citation.title                     
;Unexpected origins of the enhanced pairing affinity of 2'-fluoro-modified RNA.
;
_citation.journal_abbrev            'Nucleic Acids Res.' 
_citation.journal_volume            39 
_citation.page_first                3482 
_citation.page_last                 3495 
_citation.year                      2011 
_citation.journal_id_ASTM           NARHAD 
_citation.country                   UK 
_citation.journal_id_ISSN           0305-1048 
_citation.journal_id_CSD            0389 
_citation.book_publisher            ? 
_citation.pdbx_database_id_PubMed   21183463 
_citation.pdbx_database_id_DOI      10.1093/nar/gkq1270 
# 
loop_
_citation_author.citation_id 
_citation_author.name 
_citation_author.ordinal 
_citation_author.identifier_ORCID 
primary 'Pallan, P.S.'  1 ? 
primary 'Greene, E.M.'  2 ? 
primary 'Jicman, P.A.'  3 ? 
primary 'Pandey, R.K.'  4 ? 
primary 'Manoharan, M.' 5 ? 
primary 'Rozners, E.'   6 ? 
primary 'Egli, M.'      7 ? 
# 
loop_
_entity.id 
_entity.type 
_entity.src_method 
_entity.pdbx_description 
_entity.formula_weight 
_entity.pdbx_number_of_molecules 
_entity.pdbx_ec 
_entity.pdbx_mutation 
_entity.pdbx_fragment 
_entity.details 
1 polymer     syn "5'-R(*(CFZ)P*GP*(AF2)P*AP*(UFT)P*UP*(CFZ)P*G)-3'" 2534.525 2  ? ? ? ? 
2 non-polymer syn 'STRONTIUM ION'                                    87.620   3  ? ? ? ? 
3 water       nat water                                              18.015   93 ? ? ? ? 
# 
_entity_poly.entity_id                      1 
_entity_poly.type                           polyribonucleotide 
_entity_poly.nstd_linkage                   no 
_entity_poly.nstd_monomer                   yes 
_entity_poly.pdbx_seq_one_letter_code       '(CFZ)G(AF2)A(UFT)U(CFZ)G' 
_entity_poly.pdbx_seq_one_letter_code_can   XGXAUUXG 
_entity_poly.pdbx_strand_id                 A,B 
_entity_poly.pdbx_target_identifier         ? 
# 
loop_
_pdbx_entity_nonpoly.entity_id 
_pdbx_entity_nonpoly.name 
_pdbx_entity_nonpoly.comp_id 
2 'STRONTIUM ION' SR  
3 water           HOH 
# 
loop_
_entity_poly_seq.entity_id 
_entity_poly_seq.num 
_entity_poly_seq.mon_id 
_entity_poly_seq.hetero 
1 1 CFZ n 
1 2 G   n 
1 3 AF2 n 
1 4 A   n 
1 5 UFT n 
1 6 U   n 
1 7 CFZ n 
1 8 G   n 
# 
_pdbx_entity_src_syn.entity_id              1 
_pdbx_entity_src_syn.pdbx_src_id            1 
_pdbx_entity_src_syn.pdbx_alt_source_flag   sample 
_pdbx_entity_src_syn.pdbx_beg_seq_num       1 
_pdbx_entity_src_syn.pdbx_end_seq_num       8 
_pdbx_entity_src_syn.organism_scientific    'synthetic construct' 
_pdbx_entity_src_syn.organism_common_name   ? 
_pdbx_entity_src_syn.ncbi_taxonomy_id       32630 
_pdbx_entity_src_syn.details                'Chemically synthesized modified RNA' 
# 
loop_
_chem_comp.id 
_chem_comp.type 
_chem_comp.mon_nstd_flag 
_chem_comp.name 
_chem_comp.pdbx_synonyms 
_chem_comp.formula 
_chem_comp.formula_weight 
A   'RNA linking' y "ADENOSINE-5'-MONOPHOSPHATE"                            ? 'C10 H14 N5 O7 P'   347.221 
AF2 'DNA linking' n 
;2'-deoxy-2'-fluoroadenosine 5'-(dihydrogen phosphate)
;
? 'C10 H13 F N5 O6 P' 349.212 
CFZ 'DNA linking' n 
;2'-deoxy-2'-fluorocytidine 5'-(dihydrogen phosphate)
;
? 'C9 H13 F N3 O7 P'  325.188 
G   'RNA linking' y "GUANOSINE-5'-MONOPHOSPHATE"                            ? 'C10 H14 N5 O8 P'   363.221 
HOH non-polymer   . WATER                                                   ? 'H2 O'              18.015  
SR  non-polymer   . 'STRONTIUM ION'                                         ? 'Sr 2'              87.620  
U   'RNA linking' y "URIDINE-5'-MONOPHOSPHATE"                              ? 'C9 H13 N2 O9 P'    324.181 
UFT 'DNA linking' n 
;2'-deoxy-2'-fluorouridine 5'-(dihydrogen phosphate)
;
? 'C9 H12 F N2 O8 P'  326.172 
# 
loop_
_pdbx_poly_seq_scheme.asym_id 
_pdbx_poly_seq_scheme.entity_id 
_pdbx_poly_seq_scheme.seq_id 
_pdbx_poly_seq_scheme.mon_id 
_pdbx_poly_seq_scheme.ndb_seq_num 
_pdbx_poly_seq_scheme.pdb_seq_num 
_pdbx_poly_seq_scheme.auth_seq_num 
_pdbx_poly_seq_scheme.pdb_mon_id 
_pdbx_poly_seq_scheme.auth_mon_id 
_pdbx_poly_seq_scheme.pdb_strand_id 
_pdbx_poly_seq_scheme.pdb_ins_code 
_pdbx_poly_seq_scheme.hetero 
A 1 1 CFZ 1 101 101 CFZ CFZ A . n 
A 1 2 G   2 102 102 G   G   A . n 
A 1 3 AF2 3 103 103 AF2 AF2 A . n 
A 1 4 A   4 104 104 A   A   A . n 
A 1 5 UFT 5 105 105 UFT UFT A . n 
A 1 6 U   6 106 106 U   U   A . n 
A 1 7 CFZ 7 107 107 CFZ CFZ A . n 
A 1 8 G   8 108 108 G   G   A . n 
B 1 1 CFZ 1 209 209 CFZ CFZ B . n 
B 1 2 G   2 210 210 G   G   B . n 
B 1 3 AF2 3 211 211 AF2 AF2 B . n 
B 1 4 A   4 212 212 A   A   B . n 
B 1 5 UFT 5 213 213 UFT UFT B . n 
B 1 6 U   6 214 214 U   U   B . n 
B 1 7 CFZ 7 215 215 CFZ CFZ B . n 
B 1 8 G   8 216 216 G   G   B . n 
# 
loop_
_pdbx_nonpoly_scheme.asym_id 
_pdbx_nonpoly_scheme.entity_id 
_pdbx_nonpoly_scheme.mon_id 
_pdbx_nonpoly_scheme.ndb_seq_num 
_pdbx_nonpoly_scheme.pdb_seq_num 
_pdbx_nonpoly_scheme.auth_seq_num 
_pdbx_nonpoly_scheme.pdb_mon_id 
_pdbx_nonpoly_scheme.auth_mon_id 
_pdbx_nonpoly_scheme.pdb_strand_id 
_pdbx_nonpoly_scheme.pdb_ins_code 
C 2 SR  1  301 301 SR  SR  B . 
D 2 SR  1  302 302 SR  SR  B . 
E 2 SR  1  303 303 SR  SR  B . 
F 3 HOH 1  305 305 HOH HOH A . 
F 3 HOH 2  306 306 HOH HOH A . 
F 3 HOH 3  309 309 HOH HOH A . 
F 3 HOH 4  310 310 HOH HOH A . 
F 3 HOH 5  311 311 HOH HOH A . 
F 3 HOH 6  312 312 HOH HOH A . 
F 3 HOH 7  314 314 HOH HOH A . 
F 3 HOH 8  315 315 HOH HOH A . 
F 3 HOH 9  316 316 HOH HOH A . 
F 3 HOH 10 317 317 HOH HOH A . 
F 3 HOH 11 318 318 HOH HOH A . 
F 3 HOH 12 320 320 HOH HOH A . 
F 3 HOH 13 322 322 HOH HOH A . 
F 3 HOH 14 325 325 HOH HOH A . 
F 3 HOH 15 326 326 HOH HOH A . 
F 3 HOH 16 327 327 HOH HOH A . 
F 3 HOH 17 330 330 HOH HOH A . 
F 3 HOH 18 333 333 HOH HOH A . 
F 3 HOH 19 334 334 HOH HOH A . 
F 3 HOH 20 337 337 HOH HOH A . 
F 3 HOH 21 338 338 HOH HOH A . 
F 3 HOH 22 340 340 HOH HOH A . 
F 3 HOH 23 343 343 HOH HOH A . 
F 3 HOH 24 346 346 HOH HOH A . 
F 3 HOH 25 348 348 HOH HOH A . 
F 3 HOH 26 349 349 HOH HOH A . 
F 3 HOH 27 354 354 HOH HOH A . 
F 3 HOH 28 355 355 HOH HOH A . 
F 3 HOH 29 356 356 HOH HOH A . 
F 3 HOH 30 360 360 HOH HOH A . 
F 3 HOH 31 362 362 HOH HOH A . 
F 3 HOH 32 363 363 HOH HOH A . 
F 3 HOH 33 364 364 HOH HOH A . 
F 3 HOH 34 366 366 HOH HOH A . 
F 3 HOH 35 370 370 HOH HOH A . 
F 3 HOH 36 371 371 HOH HOH A . 
F 3 HOH 37 372 372 HOH HOH A . 
F 3 HOH 38 374 374 HOH HOH A . 
F 3 HOH 39 379 379 HOH HOH A . 
F 3 HOH 40 380 380 HOH HOH A . 
F 3 HOH 41 381 381 HOH HOH A . 
F 3 HOH 42 382 382 HOH HOH A . 
F 3 HOH 43 387 387 HOH HOH A . 
F 3 HOH 44 391 391 HOH HOH A . 
F 3 HOH 45 395 395 HOH HOH A . 
G 3 HOH 1  304 304 HOH HOH B . 
G 3 HOH 2  307 307 HOH HOH B . 
G 3 HOH 3  308 308 HOH HOH B . 
G 3 HOH 4  313 313 HOH HOH B . 
G 3 HOH 5  319 319 HOH HOH B . 
G 3 HOH 6  321 321 HOH HOH B . 
G 3 HOH 7  323 323 HOH HOH B . 
G 3 HOH 8  324 324 HOH HOH B . 
G 3 HOH 9  328 328 HOH HOH B . 
G 3 HOH 10 329 329 HOH HOH B . 
G 3 HOH 11 331 331 HOH HOH B . 
G 3 HOH 12 332 332 HOH HOH B . 
G 3 HOH 13 335 335 HOH HOH B . 
G 3 HOH 14 336 336 HOH HOH B . 
G 3 HOH 15 339 339 HOH HOH B . 
G 3 HOH 16 341 341 HOH HOH B . 
G 3 HOH 17 342 342 HOH HOH B . 
G 3 HOH 18 344 344 HOH HOH B . 
G 3 HOH 19 345 345 HOH HOH B . 
G 3 HOH 20 347 347 HOH HOH B . 
G 3 HOH 21 350 350 HOH HOH B . 
G 3 HOH 22 351 351 HOH HOH B . 
G 3 HOH 23 352 352 HOH HOH B . 
G 3 HOH 24 353 353 HOH HOH B . 
G 3 HOH 25 357 357 HOH HOH B . 
G 3 HOH 26 358 358 HOH HOH B . 
G 3 HOH 27 359 359 HOH HOH B . 
G 3 HOH 28 361 361 HOH HOH B . 
G 3 HOH 29 365 365 HOH HOH B . 
G 3 HOH 30 367 367 HOH HOH B . 
G 3 HOH 31 368 368 HOH HOH B . 
G 3 HOH 32 369 369 HOH HOH B . 
G 3 HOH 33 373 373 HOH HOH B . 
G 3 HOH 34 375 375 HOH HOH B . 
G 3 HOH 35 376 376 HOH HOH B . 
G 3 HOH 36 377 377 HOH HOH B . 
G 3 HOH 37 378 378 HOH HOH B . 
G 3 HOH 38 383 383 HOH HOH B . 
G 3 HOH 39 384 384 HOH HOH B . 
G 3 HOH 40 385 385 HOH HOH B . 
G 3 HOH 41 386 386 HOH HOH B . 
G 3 HOH 42 388 388 HOH HOH B . 
G 3 HOH 43 389 389 HOH HOH B . 
G 3 HOH 44 390 390 HOH HOH B . 
G 3 HOH 45 392 392 HOH HOH B . 
G 3 HOH 46 393 393 HOH HOH B . 
G 3 HOH 47 394 394 HOH HOH B . 
G 3 HOH 48 396 396 HOH HOH B . 
# 
loop_
_software.name 
_software.classification 
_software.version 
_software.citation_id 
_software.pdbx_ordinal 
MAR345dtb 'data collection' . ? 1 
HKL2Map   'model building'  . ? 2 
SHELXL    refinement        . ? 3 
HKL-2000  'data reduction'  . ? 4 
HKL-2000  'data scaling'    . ? 5 
HKL2Map   phasing           . ? 6 
SHELXL-97 refinement        . ? 7 
# 
_cell.entry_id           3P4C 
_cell.length_a           40.550 
_cell.length_b           40.550 
_cell.length_c           117.222 
_cell.angle_alpha        90.00 
_cell.angle_beta         90.00 
_cell.angle_gamma        120.00 
_cell.Z_PDB              36 
_cell.pdbx_unique_axis   ? 
_cell.length_a_esd       ? 
_cell.length_b_esd       ? 
_cell.length_c_esd       ? 
_cell.angle_alpha_esd    ? 
_cell.angle_beta_esd     ? 
_cell.angle_gamma_esd    ? 
# 
_symmetry.entry_id                         3P4C 
_symmetry.space_group_name_H-M             'H 3 2' 
_symmetry.pdbx_full_space_group_name_H-M   ? 
_symmetry.cell_setting                     ? 
_symmetry.Int_Tables_number                155 
_symmetry.space_group_name_Hall            ? 
# 
_exptl.entry_id          3P4C 
_exptl.method            'X-RAY DIFFRACTION' 
_exptl.crystals_number   1 
# 
_exptl_crystal.id                    1 
_exptl_crystal.density_meas          ? 
_exptl_crystal.density_Matthews      1.83 
_exptl_crystal.density_percent_sol   32.77 
_exptl_crystal.description           ? 
_exptl_crystal.F_000                 ? 
_exptl_crystal.preparation           ? 
# 
_exptl_crystal_grow.crystal_id      1 
_exptl_crystal_grow.method          'VAPOR DIFFUSION, HANGING DROP' 
_exptl_crystal_grow.temp            291 
_exptl_crystal_grow.temp_details    ? 
_exptl_crystal_grow.pH              6.0 
_exptl_crystal_grow.pdbx_details    
;Sodium cacodylate (40 mM, pH 6.0), lithium chloride (40 mM), strontium chloride (80 mM), spermine tetrahydrochloride (12 mM), and 2-methyl-2,4-pentanediol (MPD; 10% (v/v)), equilibrated against a reservoir of MPD (1 mL, 35%) , VAPOR DIFFUSION, HANGING DROP, temperature 291K
;
_exptl_crystal_grow.pdbx_pH_range   ? 
# 
_diffrn.id                     1 
_diffrn.ambient_temp           100 
_diffrn.ambient_temp_details   ? 
_diffrn.crystal_id             1 
# 
_diffrn_detector.diffrn_id              1 
_diffrn_detector.detector               CCD 
_diffrn_detector.type                   'MARMOSAIC 300 mm CCD' 
_diffrn_detector.pdbx_collection_date   2008-11-16 
_diffrn_detector.details                ? 
# 
_diffrn_radiation.diffrn_id                        1 
_diffrn_radiation.wavelength_id                    1 
_diffrn_radiation.pdbx_monochromatic_or_laue_m_l   M 
_diffrn_radiation.monochromator                    ? 
_diffrn_radiation.pdbx_diffrn_protocol             SAD 
_diffrn_radiation.pdbx_scattering_type             x-ray 
# 
_diffrn_radiation_wavelength.id           1 
_diffrn_radiation_wavelength.wavelength   0.7687 
_diffrn_radiation_wavelength.wt           1.0 
# 
_diffrn_source.diffrn_id                   1 
_diffrn_source.source                      SYNCHROTRON 
_diffrn_source.type                        'APS BEAMLINE 21-ID-D' 
_diffrn_source.pdbx_synchrotron_site       APS 
_diffrn_source.pdbx_synchrotron_beamline   21-ID-D 
_diffrn_source.pdbx_wavelength             ? 
_diffrn_source.pdbx_wavelength_list        0.7687 
# 
_reflns.entry_id                     3P4C 
_reflns.observed_criterion_sigma_I   ? 
_reflns.observed_criterion_sigma_F   ? 
_reflns.d_resolution_low             50.0 
_reflns.d_resolution_high            1.15 
_reflns.number_obs                   13343 
_reflns.number_all                   13629 
_reflns.percent_possible_obs         97.9 
_reflns.pdbx_Rmerge_I_obs            0.095 
_reflns.pdbx_Rsym_value              ? 
_reflns.pdbx_netI_over_sigmaI        50.1 
_reflns.B_iso_Wilson_estimate        ? 
_reflns.pdbx_redundancy              15.1 
_reflns.R_free_details               ? 
_reflns.limit_h_max                  ? 
_reflns.limit_h_min                  ? 
_reflns.limit_k_max                  ? 
_reflns.limit_k_min                  ? 
_reflns.limit_l_max                  ? 
_reflns.limit_l_min                  ? 
_reflns.observed_criterion_F_max     ? 
_reflns.observed_criterion_F_min     ? 
_reflns.pdbx_chi_squared             ? 
_reflns.pdbx_scaling_rejects         ? 
_reflns.pdbx_diffrn_id               1 
_reflns.pdbx_ordinal                 1 
# 
_reflns_shell.d_res_high             1.15 
_reflns_shell.d_res_low              1.17 
_reflns_shell.percent_possible_all   72.9 
_reflns_shell.Rmerge_I_obs           0.408 
_reflns_shell.pdbx_Rsym_value        ? 
_reflns_shell.meanI_over_sigI_obs    2.43 
_reflns_shell.pdbx_redundancy        3.8 
_reflns_shell.percent_possible_obs   ? 
_reflns_shell.number_unique_all      489 
_reflns_shell.number_measured_all    ? 
_reflns_shell.number_measured_obs    ? 
_reflns_shell.number_unique_obs      ? 
_reflns_shell.pdbx_chi_squared       ? 
_reflns_shell.pdbx_diffrn_id         ? 
_reflns_shell.pdbx_ordinal           1 
# 
_refine.entry_id                                 3P4C 
_refine.ls_number_reflns_obs                     13314 
_refine.ls_number_reflns_all                     13343 
_refine.pdbx_ls_sigma_I                          ? 
_refine.pdbx_ls_sigma_F                          0 
_refine.pdbx_data_cutoff_high_absF               ? 
_refine.pdbx_data_cutoff_low_absF                ? 
_refine.pdbx_data_cutoff_high_rms_absF           ? 
_refine.ls_d_res_low                             50 
_refine.ls_d_res_high                            1.15 
_refine.ls_percent_reflns_obs                    99.8 
_refine.ls_R_factor_obs                          0.182 
_refine.ls_R_factor_all                          ? 
_refine.ls_R_factor_R_work                       0.182 
_refine.ls_R_factor_R_free                       0.249 
_refine.ls_R_factor_R_free_error                 ? 
_refine.ls_R_factor_R_free_error_details         ? 
_refine.ls_percent_reflns_R_free                 ? 
_refine.ls_number_reflns_R_free                  666 
_refine.ls_number_parameters                     ? 
_refine.ls_number_restraints                     ? 
_refine.occupancy_min                            ? 
_refine.occupancy_max                            ? 
_refine.correlation_coeff_Fo_to_Fc               ? 
_refine.correlation_coeff_Fo_to_Fc_free          ? 
_refine.B_iso_mean                               ? 
_refine.aniso_B[1][1]                            ? 
_refine.aniso_B[2][2]                            ? 
_refine.aniso_B[3][3]                            ? 
_refine.aniso_B[1][2]                            ? 
_refine.aniso_B[1][3]                            ? 
_refine.aniso_B[2][3]                            ? 
_refine.solvent_model_details                    ? 
_refine.solvent_model_param_ksol                 ? 
_refine.solvent_model_param_bsol                 ? 
_refine.pdbx_solvent_vdw_probe_radii             ? 
_refine.pdbx_solvent_ion_probe_radii             ? 
_refine.pdbx_solvent_shrinkage_radii             ? 
_refine.pdbx_ls_cross_valid_method               ? 
_refine.details                                  ? 
_refine.pdbx_starting_model                      ? 
_refine.pdbx_method_to_determine_struct          SAD 
_refine.pdbx_isotropic_thermal_model             ? 
_refine.pdbx_stereochemistry_target_values       ? 
_refine.pdbx_stereochem_target_val_spec_case     ? 
_refine.pdbx_R_Free_selection_details            ? 
_refine.pdbx_overall_ESU_R_Free                  ? 
_refine.overall_SU_ML                            ? 
_refine.overall_SU_B                             ? 
_refine.overall_SU_R_Cruickshank_DPI             ? 
_refine.ls_redundancy_reflns_obs                 ? 
_refine.B_iso_min                                ? 
_refine.B_iso_max                                ? 
_refine.overall_SU_R_free                        ? 
_refine.ls_wR_factor_R_free                      ? 
_refine.ls_wR_factor_R_work                      0.182 
_refine.overall_FOM_free_R_set                   ? 
_refine.overall_FOM_work_R_set                   ? 
_refine.pdbx_overall_phase_error                 ? 
_refine.pdbx_refine_id                           'X-RAY DIFFRACTION' 
_refine.pdbx_overall_ESU_R                       ? 
_refine.pdbx_diffrn_id                           1 
_refine.pdbx_TLS_residual_ADP_flag               ? 
_refine.pdbx_overall_SU_R_free_Cruickshank_DPI   ? 
_refine.pdbx_overall_SU_R_Blow_DPI               ? 
_refine.pdbx_overall_SU_R_free_Blow_DPI          ? 
# 
_refine_hist.pdbx_refine_id                   'X-RAY DIFFRACTION' 
_refine_hist.cycle_id                         LAST 
_refine_hist.pdbx_number_atoms_protein        0 
_refine_hist.pdbx_number_atoms_nucleic_acid   334 
_refine_hist.pdbx_number_atoms_ligand         3 
_refine_hist.number_atoms_solvent             93 
_refine_hist.number_atoms_total               430 
_refine_hist.d_res_high                       1.15 
_refine_hist.d_res_low                        50 
# 
loop_
_refine_ls_restr.type 
_refine_ls_restr.dev_ideal 
_refine_ls_restr.dev_ideal_target 
_refine_ls_restr.weight 
_refine_ls_restr.number 
_refine_ls_restr.pdbx_refine_id 
_refine_ls_restr.pdbx_restraint_function 
s_bond_d  0.01  ? ? ? 'X-RAY DIFFRACTION' ? 
s_angle_d 0.027 ? ? ? 'X-RAY DIFFRACTION' ? 
# 
_struct.entry_id                  3P4C 
_struct.title                     
;Alternatingly modified 2'Fluoro RNA octamer f/rA2U2-R32
;
_struct.pdbx_model_details        ? 
_struct.pdbx_CASP_flag            ? 
_struct.pdbx_model_type_details   ? 
# 
_struct_keywords.entry_id        3P4C 
_struct_keywords.pdbx_keywords   RNA 
_struct_keywords.text            
;RNA, 2'-FLUORO-RNA O2'-MODIFICATION, OCTAMER, 2'-fluoro 2'-deoxycytidine, 2'-fluoro 2'-deoxyadenosine, 2'-fluoro 2'-deoxyuridine, siRNA
;
# 
loop_
_struct_asym.id 
_struct_asym.pdbx_blank_PDB_chainid_flag 
_struct_asym.pdbx_modified 
_struct_asym.entity_id 
_struct_asym.details 
A N N 1 ? 
B N N 1 ? 
C N N 2 ? 
D N N 2 ? 
E N N 2 ? 
F N N 3 ? 
G N N 3 ? 
# 
_struct_ref.id                         1 
_struct_ref.db_name                    PDB 
_struct_ref.db_code                    3P4C 
_struct_ref.pdbx_db_accession          3P4C 
_struct_ref.pdbx_db_isoform            ? 
_struct_ref.entity_id                  1 
_struct_ref.pdbx_seq_one_letter_code   ? 
_struct_ref.pdbx_align_begin           1 
# 
loop_
_struct_ref_seq.align_id 
_struct_ref_seq.ref_id 
_struct_ref_seq.pdbx_PDB_id_code 
_struct_ref_seq.pdbx_strand_id 
_struct_ref_seq.seq_align_beg 
_struct_ref_seq.pdbx_seq_align_beg_ins_code 
_struct_ref_seq.seq_align_end 
_struct_ref_seq.pdbx_seq_align_end_ins_code 
_struct_ref_seq.pdbx_db_accession 
_struct_ref_seq.db_align_beg 
_struct_ref_seq.pdbx_db_align_beg_ins_code 
_struct_ref_seq.db_align_end 
_struct_ref_seq.pdbx_db_align_end_ins_code 
_struct_ref_seq.pdbx_auth_seq_align_beg 
_struct_ref_seq.pdbx_auth_seq_align_end 
1 1 3P4C A 1 ? 8 ? 3P4C 101 ? 108 ? 101 108 
2 1 3P4C B 1 ? 8 ? 3P4C 209 ? 216 ? 209 216 
# 
loop_
_pdbx_struct_assembly.id 
_pdbx_struct_assembly.details 
_pdbx_struct_assembly.method_details 
_pdbx_struct_assembly.oligomeric_details 
_pdbx_struct_assembly.oligomeric_count 
1 author_defined_assembly   ?    dimeric    2 
2 software_defined_assembly PISA tetrameric 4 
# 
loop_
_pdbx_struct_assembly_prop.biol_id 
_pdbx_struct_assembly_prop.type 
_pdbx_struct_assembly_prop.value 
_pdbx_struct_assembly_prop.details 
2 'ABSA (A^2)' 3920 ? 
2 MORE         -146 ? 
2 'SSA (A^2)'  4780 ? 
# 
loop_
_pdbx_struct_assembly_gen.assembly_id 
_pdbx_struct_assembly_gen.oper_expression 
_pdbx_struct_assembly_gen.asym_id_list 
1 1   A,B,C,D,E,F,G 
2 1,2 A,B,C,D,E,F,G 
# 
loop_
_pdbx_struct_oper_list.id 
_pdbx_struct_oper_list.type 
_pdbx_struct_oper_list.name 
_pdbx_struct_oper_list.symmetry_operation 
_pdbx_struct_oper_list.matrix[1][1] 
_pdbx_struct_oper_list.matrix[1][2] 
_pdbx_struct_oper_list.matrix[1][3] 
_pdbx_struct_oper_list.vector[1] 
_pdbx_struct_oper_list.matrix[2][1] 
_pdbx_struct_oper_list.matrix[2][2] 
_pdbx_struct_oper_list.matrix[2][3] 
_pdbx_struct_oper_list.vector[2] 
_pdbx_struct_oper_list.matrix[3][1] 
_pdbx_struct_oper_list.matrix[3][2] 
_pdbx_struct_oper_list.matrix[3][3] 
_pdbx_struct_oper_list.vector[3] 
1 'identity operation'         1_555  x,y,z                 1.0000000000  0.0000000000 0.0000000000  0.0000000000  0.0000000000 1.0000000000 0.0000000000  0.0000000000 0.0000000000  0.0000000000  1.0000000000  0.0000000000  
2 'crystal symmetry operation' 17_555 x-y+1/3,-y+2/3,-z+2/3 -0.9993618241 0.0357149021 -0.0006247520 10.5561289009 0.0357149021 0.9987502136 -0.0349636467 0.0721857404 -0.0006247520 -0.0349636467 -0.9993883895 14.9095539021 
# 
_struct_biol.id        1 
_struct_biol.details   ? 
# 
loop_
_struct_conn.id 
_struct_conn.conn_type_id 
_struct_conn.pdbx_leaving_atom_flag 
_struct_conn.pdbx_PDB_id 
_struct_conn.ptnr1_label_asym_id 
_struct_conn.ptnr1_label_comp_id 
_struct_conn.ptnr1_label_seq_id 
_struct_conn.ptnr1_label_atom_id 
_struct_conn.pdbx_ptnr1_label_alt_id 
_struct_conn.pdbx_ptnr1_PDB_ins_code 
_struct_conn.pdbx_ptnr1_standard_comp_id 
_struct_conn.ptnr1_symmetry 
_struct_conn.ptnr2_label_asym_id 
_struct_conn.ptnr2_label_comp_id 
_struct_conn.ptnr2_label_seq_id 
_struct_conn.ptnr2_label_atom_id 
_struct_conn.pdbx_ptnr2_label_alt_id 
_struct_conn.pdbx_ptnr2_PDB_ins_code 
_struct_conn.ptnr1_auth_asym_id 
_struct_conn.ptnr1_auth_comp_id 
_struct_conn.ptnr1_auth_seq_id 
_struct_conn.ptnr2_auth_asym_id 
_struct_conn.ptnr2_auth_comp_id 
_struct_conn.ptnr2_auth_seq_id 
_struct_conn.ptnr2_symmetry 
_struct_conn.pdbx_ptnr3_label_atom_id 
_struct_conn.pdbx_ptnr3_label_seq_id 
_struct_conn.pdbx_ptnr3_label_comp_id 
_struct_conn.pdbx_ptnr3_label_asym_id 
_struct_conn.pdbx_ptnr3_label_alt_id 
_struct_conn.pdbx_ptnr3_PDB_ins_code 
_struct_conn.details 
_struct_conn.pdbx_dist_value 
_struct_conn.pdbx_value_order 
_struct_conn.pdbx_role 
covale1  covale both ? A CFZ 1 "O3'" ? ? ? 1_555 A G   2 P  ? ? A CFZ 101 A G   102 1_555 ? ? ? ? ? ? ?            1.616 ? ? 
covale2  covale both ? A G   2 "O3'" ? ? ? 1_555 A AF2 3 P  ? ? A G   102 A AF2 103 1_555 ? ? ? ? ? ? ?            1.588 ? ? 
covale3  covale one  ? A AF2 3 "O3'" ? ? ? 1_555 A A   4 P  ? ? A AF2 103 A A   104 1_555 ? ? ? ? ? ? ?            1.620 ? ? 
covale4  covale both ? A A   4 "O3'" ? ? ? 1_555 A UFT 5 P  ? ? A A   104 A UFT 105 1_555 ? ? ? ? ? ? ?            1.599 ? ? 
covale5  covale both ? A UFT 5 "O3'" ? ? ? 1_555 A U   6 P  ? ? A UFT 105 A U   106 1_555 ? ? ? ? ? ? ?            1.612 ? ? 
covale6  covale both ? A U   6 "O3'" ? ? ? 1_555 A CFZ 7 P  ? ? A U   106 A CFZ 107 1_555 ? ? ? ? ? ? ?            1.603 ? ? 
covale7  covale both ? A CFZ 7 "O3'" ? ? ? 1_555 A G   8 P  ? ? A CFZ 107 A G   108 1_555 ? ? ? ? ? ? ?            1.596 ? ? 
covale8  covale both ? B CFZ 1 "O3'" ? ? ? 1_555 B G   2 P  ? ? B CFZ 209 B G   210 1_555 ? ? ? ? ? ? ?            1.603 ? ? 
covale9  covale both ? B G   2 "O3'" ? ? ? 1_555 B AF2 3 P  ? ? B G   210 B AF2 211 1_555 ? ? ? ? ? ? ?            1.609 ? ? 
covale10 covale one  ? B AF2 3 "O3'" ? ? ? 1_555 B A   4 P  ? ? B AF2 211 B A   212 1_555 ? ? ? ? ? ? ?            1.596 ? ? 
covale11 covale both ? B A   4 "O3'" ? ? ? 1_555 B UFT 5 P  ? ? B A   212 B UFT 213 1_555 ? ? ? ? ? ? ?            1.591 ? ? 
covale12 covale both ? B UFT 5 "O3'" ? ? ? 1_555 B U   6 P  ? ? B UFT 213 B U   214 1_555 ? ? ? ? ? ? ?            1.616 ? ? 
covale13 covale both ? B U   6 "O3'" ? ? ? 1_555 B CFZ 7 P  ? ? B U   214 B CFZ 215 1_555 ? ? ? ? ? ? ?            1.597 ? ? 
covale14 covale both ? B CFZ 7 "O3'" ? ? ? 1_555 B G   8 P  ? ? B CFZ 215 B G   216 1_555 ? ? ? ? ? ? ?            1.599 ? ? 
hydrog1  hydrog ?    ? A A   4 N1    ? ? ? 1_555 B UFT 5 N3 ? ? A A   104 B UFT 213 1_555 ? ? ? ? ? ? WATSON-CRICK ?     ? ? 
hydrog2  hydrog ?    ? A A   4 N6    ? ? ? 1_555 B UFT 5 O4 ? ? A A   104 B UFT 213 1_555 ? ? ? ? ? ? WATSON-CRICK ?     ? ? 
hydrog3  hydrog ?    ? A UFT 5 N3    ? ? ? 1_555 B A   4 N1 ? ? A UFT 105 B A   212 1_555 ? ? ? ? ? ? WATSON-CRICK ?     ? ? 
hydrog4  hydrog ?    ? A UFT 5 O4    ? ? ? 1_555 B A   4 N6 ? ? A UFT 105 B A   212 1_555 ? ? ? ? ? ? WATSON-CRICK ?     ? ? 
# 
loop_
_struct_conn_type.id 
_struct_conn_type.criteria 
_struct_conn_type.reference 
covale ? ? 
hydrog ? ? 
# 
loop_
_struct_site.id 
_struct_site.pdbx_evidence_code 
_struct_site.pdbx_auth_asym_id 
_struct_site.pdbx_auth_comp_id 
_struct_site.pdbx_auth_seq_id 
_struct_site.pdbx_auth_ins_code 
_struct_site.pdbx_num_residues 
_struct_site.details 
AC1 Software B SR 301 ? 5 'BINDING SITE FOR RESIDUE SR B 301' 
AC2 Software B SR 302 ? 9 'BINDING SITE FOR RESIDUE SR B 302' 
AC3 Software B SR 303 ? 3 'BINDING SITE FOR RESIDUE SR B 303' 
# 
loop_
_struct_site_gen.id 
_struct_site_gen.site_id 
_struct_site_gen.pdbx_num_res 
_struct_site_gen.label_comp_id 
_struct_site_gen.label_asym_id 
_struct_site_gen.label_seq_id 
_struct_site_gen.pdbx_auth_ins_code 
_struct_site_gen.auth_comp_id 
_struct_site_gen.auth_asym_id 
_struct_site_gen.auth_seq_id 
_struct_site_gen.label_atom_id 
_struct_site_gen.label_alt_id 
_struct_site_gen.symmetry 
_struct_site_gen.details 
1  AC1 5 G   A 8 ? G   A 108 . ? 17_555 ? 
2  AC1 5 HOH F . ? HOH A 330 . ? 17_555 ? 
3  AC1 5 HOH F . ? HOH A 371 . ? 17_555 ? 
4  AC1 5 CFZ B 1 ? CFZ B 209 . ? 1_555  ? 
5  AC1 5 G   B 2 ? G   B 210 . ? 1_555  ? 
6  AC2 9 HOH F . ? HOH A 310 . ? 1_555  ? 
7  AC2 9 HOH F . ? HOH A 334 . ? 1_555  ? 
8  AC2 9 HOH F . ? HOH A 355 . ? 1_555  ? 
9  AC2 9 HOH F . ? HOH A 372 . ? 1_555  ? 
10 AC2 9 UFT B 5 ? UFT B 213 . ? 1_555  ? 
11 AC2 9 HOH G . ? HOH B 308 . ? 1_555  ? 
12 AC2 9 HOH G . ? HOH B 336 . ? 1_555  ? 
13 AC2 9 HOH G . ? HOH B 352 . ? 1_555  ? 
14 AC2 9 HOH G . ? HOH B 375 . ? 1_555  ? 
15 AC3 3 HOH G . ? HOH B 378 . ? 3_555  ? 
16 AC3 3 HOH G . ? HOH B 378 . ? 1_555  ? 
17 AC3 3 HOH G . ? HOH B 378 . ? 2_555  ? 
# 
loop_
_pdbx_validate_rmsd_bond.id 
_pdbx_validate_rmsd_bond.PDB_model_num 
_pdbx_validate_rmsd_bond.auth_atom_id_1 
_pdbx_validate_rmsd_bond.auth_asym_id_1 
_pdbx_validate_rmsd_bond.auth_comp_id_1 
_pdbx_validate_rmsd_bond.auth_seq_id_1 
_pdbx_validate_rmsd_bond.PDB_ins_code_1 
_pdbx_validate_rmsd_bond.label_alt_id_1 
_pdbx_validate_rmsd_bond.auth_atom_id_2 
_pdbx_validate_rmsd_bond.auth_asym_id_2 
_pdbx_validate_rmsd_bond.auth_comp_id_2 
_pdbx_validate_rmsd_bond.auth_seq_id_2 
_pdbx_validate_rmsd_bond.PDB_ins_code_2 
_pdbx_validate_rmsd_bond.label_alt_id_2 
_pdbx_validate_rmsd_bond.bond_value 
_pdbx_validate_rmsd_bond.bond_target_value 
_pdbx_validate_rmsd_bond.bond_deviation 
_pdbx_validate_rmsd_bond.bond_standard_deviation 
_pdbx_validate_rmsd_bond.linker_flag 
1 1 "C2'" A A 104 ? ? "O2'" A A 104 ? ? 1.309 1.412 -0.103 0.013 N 
2 1 "C2'" A U 106 ? ? "O2'" A U 106 ? ? 1.517 1.420 0.097  0.010 N 
3 1 "C2'" A G 108 ? A "O2'" A G 108 ? A 1.484 1.420 0.064  0.010 N 
4 1 "C2'" A G 108 ? B "O2'" A G 108 ? B 1.671 1.420 0.251  0.010 N 
5 1 "C2'" B G 210 ? ? "O2'" B G 210 ? ? 1.510 1.420 0.090  0.010 N 
# 
loop_
_pdbx_validate_rmsd_angle.id 
_pdbx_validate_rmsd_angle.PDB_model_num 
_pdbx_validate_rmsd_angle.auth_atom_id_1 
_pdbx_validate_rmsd_angle.auth_asym_id_1 
_pdbx_validate_rmsd_angle.auth_comp_id_1 
_pdbx_validate_rmsd_angle.auth_seq_id_1 
_pdbx_validate_rmsd_angle.PDB_ins_code_1 
_pdbx_validate_rmsd_angle.label_alt_id_1 
_pdbx_validate_rmsd_angle.auth_atom_id_2 
_pdbx_validate_rmsd_angle.auth_asym_id_2 
_pdbx_validate_rmsd_angle.auth_comp_id_2 
_pdbx_validate_rmsd_angle.auth_seq_id_2 
_pdbx_validate_rmsd_angle.PDB_ins_code_2 
_pdbx_validate_rmsd_angle.label_alt_id_2 
_pdbx_validate_rmsd_angle.auth_atom_id_3 
_pdbx_validate_rmsd_angle.auth_asym_id_3 
_pdbx_validate_rmsd_angle.auth_comp_id_3 
_pdbx_validate_rmsd_angle.auth_seq_id_3 
_pdbx_validate_rmsd_angle.PDB_ins_code_3 
_pdbx_validate_rmsd_angle.label_alt_id_3 
_pdbx_validate_rmsd_angle.angle_value 
_pdbx_validate_rmsd_angle.angle_target_value 
_pdbx_validate_rmsd_angle.angle_deviation 
_pdbx_validate_rmsd_angle.angle_standard_deviation 
_pdbx_validate_rmsd_angle.linker_flag 
1  1 N1    A A 104 ? ? C2    A A 104 ? ? N3    A A 104 ? ? 125.96 129.30 -3.34 0.50 N 
2  1 "O5'" A G 108 ? A "C5'" A G 108 ? A "C4'" A G 108 ? A 103.89 109.40 -5.51 0.80 N 
3  1 "O5'" A G 108 ? B "C5'" A G 108 ? B "C4'" A G 108 ? B 102.54 109.40 -6.86 0.80 N 
4  1 C6    A G 108 ? B N1    A G 108 ? B C2    A G 108 ? B 130.28 125.10 5.18  0.60 N 
5  1 C2    A G 108 ? B N3    A G 108 ? B C4    A G 108 ? B 108.73 111.90 -3.17 0.50 N 
6  1 N3    A G 108 ? A C4    A G 108 ? A C5    A G 108 ? A 124.87 128.60 -3.73 0.50 N 
7  1 N3    A G 108 ? B C4    A G 108 ? B C5    A G 108 ? B 133.83 128.60 5.23  0.50 N 
8  1 C5    A G 108 ? B C6    A G 108 ? B N1    A G 108 ? B 108.43 111.50 -3.07 0.50 N 
9  1 N3    A G 108 ? A C4    A G 108 ? A N9    A G 108 ? A 130.52 126.00 4.52  0.60 N 
10 1 N3    A G 108 ? B C4    A G 108 ? B N9    A G 108 ? B 119.34 126.00 -6.66 0.60 N 
11 1 N1    A G 108 ? B C2    A G 108 ? B N2    A G 108 ? B 121.73 116.20 5.53  0.90 N 
12 1 N1    A G 108 ? B C6    A G 108 ? B O6    A G 108 ? B 123.61 119.90 3.71  0.60 N 
13 1 C5    A G 108 ? A C6    A G 108 ? A O6    A G 108 ? A 123.70 128.60 -4.90 0.60 N 
14 1 N1    B A 212 ? ? C2    B A 212 ? ? N3    B A 212 ? ? 132.43 129.30 3.13  0.50 N 
# 
loop_
_pdbx_struct_mod_residue.id 
_pdbx_struct_mod_residue.label_asym_id 
_pdbx_struct_mod_residue.label_comp_id 
_pdbx_struct_mod_residue.label_seq_id 
_pdbx_struct_mod_residue.auth_asym_id 
_pdbx_struct_mod_residue.auth_comp_id 
_pdbx_struct_mod_residue.auth_seq_id 
_pdbx_struct_mod_residue.PDB_ins_code 
_pdbx_struct_mod_residue.parent_comp_id 
_pdbx_struct_mod_residue.details 
1 A CFZ 1 A CFZ 101 ? DC ? 
2 A AF2 3 A AF2 103 ? DA ? 
3 A UFT 5 A UFT 105 ? DU ? 
4 A CFZ 7 A CFZ 107 ? DC ? 
5 B CFZ 1 B CFZ 209 ? DC ? 
6 B AF2 3 B AF2 211 ? DA ? 
7 B UFT 5 B UFT 213 ? DU ? 
8 B CFZ 7 B CFZ 215 ? DC ? 
# 
loop_
_pdbx_struct_special_symmetry.id 
_pdbx_struct_special_symmetry.PDB_model_num 
_pdbx_struct_special_symmetry.auth_asym_id 
_pdbx_struct_special_symmetry.auth_comp_id 
_pdbx_struct_special_symmetry.auth_seq_id 
_pdbx_struct_special_symmetry.PDB_ins_code 
_pdbx_struct_special_symmetry.label_asym_id 
_pdbx_struct_special_symmetry.label_comp_id 
_pdbx_struct_special_symmetry.label_seq_id 
1 1 B SR  303 ? E SR  . 
2 1 A HOH 322 ? F HOH . 
3 1 A HOH 343 ? F HOH . 
4 1 A HOH 363 ? F HOH . 
5 1 A HOH 387 ? F HOH . 
6 1 B HOH 328 ? G HOH . 
7 1 B HOH 392 ? G HOH . 
# 
loop_
_chem_comp_atom.comp_id 
_chem_comp_atom.atom_id 
_chem_comp_atom.type_symbol 
_chem_comp_atom.pdbx_aromatic_flag 
_chem_comp_atom.pdbx_stereo_config 
_chem_comp_atom.pdbx_ordinal 
A   OP3    O  N N 1   
A   P      P  N N 2   
A   OP1    O  N N 3   
A   OP2    O  N N 4   
A   "O5'"  O  N N 5   
A   "C5'"  C  N N 6   
A   "C4'"  C  N R 7   
A   "O4'"  O  N N 8   
A   "C3'"  C  N S 9   
A   "O3'"  O  N N 10  
A   "C2'"  C  N R 11  
A   "O2'"  O  N N 12  
A   "C1'"  C  N R 13  
A   N9     N  Y N 14  
A   C8     C  Y N 15  
A   N7     N  Y N 16  
A   C5     C  Y N 17  
A   C6     C  Y N 18  
A   N6     N  N N 19  
A   N1     N  Y N 20  
A   C2     C  Y N 21  
A   N3     N  Y N 22  
A   C4     C  Y N 23  
A   HOP3   H  N N 24  
A   HOP2   H  N N 25  
A   "H5'"  H  N N 26  
A   "H5''" H  N N 27  
A   "H4'"  H  N N 28  
A   "H3'"  H  N N 29  
A   "HO3'" H  N N 30  
A   "H2'"  H  N N 31  
A   "HO2'" H  N N 32  
A   "H1'"  H  N N 33  
A   H8     H  N N 34  
A   H61    H  N N 35  
A   H62    H  N N 36  
A   H2     H  N N 37  
AF2 F      F  N N 38  
AF2 P      P  N N 39  
AF2 N1     N  Y N 40  
AF2 C2     C  Y N 41  
AF2 N3     N  Y N 42  
AF2 C4     C  Y N 43  
AF2 C5     C  Y N 44  
AF2 C6     C  Y N 45  
AF2 N6     N  N N 46  
AF2 N7     N  Y N 47  
AF2 C8     C  Y N 48  
AF2 N9     N  Y N 49  
AF2 "C1'"  C  N R 50  
AF2 OP2    O  N N 51  
AF2 "C2'"  C  N R 52  
AF2 OP1    O  N N 53  
AF2 "C3'"  C  N R 54  
AF2 "O3'"  O  N N 55  
AF2 "C4'"  C  N R 56  
AF2 "O4'"  O  N N 57  
AF2 "C5'"  C  N N 58  
AF2 "O5'"  O  N N 59  
AF2 H2     H  N N 60  
AF2 H8     H  N N 61  
AF2 "H5'"  H  N N 62  
AF2 "H5'A" H  N N 63  
AF2 "H1'"  H  N N 64  
AF2 "H2'"  H  N N 65  
AF2 "H3'"  H  N N 66  
AF2 "H4'"  H  N N 67  
AF2 HN6    H  N N 68  
AF2 HN6A   H  N N 69  
AF2 HOP2   H  N N 70  
AF2 "HO3'" H  N N 71  
AF2 OP3    O  N N 72  
AF2 HOP3   H  N N 73  
CFZ P      P  N N 74  
CFZ N1     N  N N 75  
CFZ C2     C  N N 76  
CFZ O2     O  N N 77  
CFZ N3     N  N N 78  
CFZ C4     C  N N 79  
CFZ N4     N  N N 80  
CFZ C5     C  N N 81  
CFZ C6     C  N N 82  
CFZ "C1'"  C  N R 83  
CFZ O1P    O  N N 84  
CFZ "C2'"  C  N R 85  
CFZ "F2'"  F  N N 86  
CFZ O2P    O  N N 87  
CFZ "C3'"  C  N R 88  
CFZ "O3'"  O  N N 89  
CFZ O3P    O  N N 90  
CFZ "C4'"  C  N R 91  
CFZ "O4'"  O  N N 92  
CFZ "C5'"  C  N N 93  
CFZ "O5'"  O  N N 94  
CFZ HN4    H  N N 95  
CFZ HN4A   H  N N 96  
CFZ H5     H  N N 97  
CFZ H6     H  N N 98  
CFZ "H1'"  H  N N 99  
CFZ HO1P   H  N N 100 
CFZ "H2'"  H  N N 101 
CFZ "H3'"  H  N N 102 
CFZ "HO3'" H  N N 103 
CFZ HO3P   H  N N 104 
CFZ "H4'"  H  N N 105 
CFZ "H5'"  H  N N 106 
CFZ "H5'A" H  N N 107 
G   OP3    O  N N 108 
G   P      P  N N 109 
G   OP1    O  N N 110 
G   OP2    O  N N 111 
G   "O5'"  O  N N 112 
G   "C5'"  C  N N 113 
G   "C4'"  C  N R 114 
G   "O4'"  O  N N 115 
G   "C3'"  C  N S 116 
G   "O3'"  O  N N 117 
G   "C2'"  C  N R 118 
G   "O2'"  O  N N 119 
G   "C1'"  C  N R 120 
G   N9     N  Y N 121 
G   C8     C  Y N 122 
G   N7     N  Y N 123 
G   C5     C  Y N 124 
G   C6     C  N N 125 
G   O6     O  N N 126 
G   N1     N  N N 127 
G   C2     C  N N 128 
G   N2     N  N N 129 
G   N3     N  N N 130 
G   C4     C  Y N 131 
G   HOP3   H  N N 132 
G   HOP2   H  N N 133 
G   "H5'"  H  N N 134 
G   "H5''" H  N N 135 
G   "H4'"  H  N N 136 
G   "H3'"  H  N N 137 
G   "HO3'" H  N N 138 
G   "H2'"  H  N N 139 
G   "HO2'" H  N N 140 
G   "H1'"  H  N N 141 
G   H8     H  N N 142 
G   H1     H  N N 143 
G   H21    H  N N 144 
G   H22    H  N N 145 
HOH O      O  N N 146 
HOH H1     H  N N 147 
HOH H2     H  N N 148 
SR  SR     SR N N 149 
U   OP3    O  N N 150 
U   P      P  N N 151 
U   OP1    O  N N 152 
U   OP2    O  N N 153 
U   "O5'"  O  N N 154 
U   "C5'"  C  N N 155 
U   "C4'"  C  N R 156 
U   "O4'"  O  N N 157 
U   "C3'"  C  N S 158 
U   "O3'"  O  N N 159 
U   "C2'"  C  N R 160 
U   "O2'"  O  N N 161 
U   "C1'"  C  N R 162 
U   N1     N  N N 163 
U   C2     C  N N 164 
U   O2     O  N N 165 
U   N3     N  N N 166 
U   C4     C  N N 167 
U   O4     O  N N 168 
U   C5     C  N N 169 
U   C6     C  N N 170 
U   HOP3   H  N N 171 
U   HOP2   H  N N 172 
U   "H5'"  H  N N 173 
U   "H5''" H  N N 174 
U   "H4'"  H  N N 175 
U   "H3'"  H  N N 176 
U   "HO3'" H  N N 177 
U   "H2'"  H  N N 178 
U   "HO2'" H  N N 179 
U   "H1'"  H  N N 180 
U   H3     H  N N 181 
U   H5     H  N N 182 
U   H6     H  N N 183 
UFT OP3    O  N N 184 
UFT P      P  N N 185 
UFT OP1    O  N N 186 
UFT OP2    O  N N 187 
UFT "O5'"  O  N N 188 
UFT N1     N  N N 189 
UFT C6     C  N N 190 
UFT C2     C  N N 191 
UFT O2     O  N N 192 
UFT N3     N  N N 193 
UFT C4     C  N N 194 
UFT O4     O  N N 195 
UFT C5     C  N N 196 
UFT "F2'"  F  N N 197 
UFT "C2'"  C  N R 198 
UFT "C5'"  C  N N 199 
UFT "C4'"  C  N R 200 
UFT "O4'"  O  N N 201 
UFT "C1'"  C  N R 202 
UFT "C3'"  C  N R 203 
UFT "O3'"  O  N N 204 
UFT HOP3   H  N N 205 
UFT HOP2   H  N N 206 
UFT H6     H  N N 207 
UFT H5     H  N N 208 
UFT "H2'"  H  N N 209 
UFT "H5'"  H  N N 210 
UFT "H5'A" H  N N 211 
UFT "H4'"  H  N N 212 
UFT "H1'"  H  N N 213 
UFT "H3'"  H  N N 214 
UFT "HO3'" H  N N 215 
UFT HN3    H  N N 216 
# 
loop_
_chem_comp_bond.comp_id 
_chem_comp_bond.atom_id_1 
_chem_comp_bond.atom_id_2 
_chem_comp_bond.value_order 
_chem_comp_bond.pdbx_aromatic_flag 
_chem_comp_bond.pdbx_stereo_config 
_chem_comp_bond.pdbx_ordinal 
A   OP3   P      sing N N 1   
A   OP3   HOP3   sing N N 2   
A   P     OP1    doub N N 3   
A   P     OP2    sing N N 4   
A   P     "O5'"  sing N N 5   
A   OP2   HOP2   sing N N 6   
A   "O5'" "C5'"  sing N N 7   
A   "C5'" "C4'"  sing N N 8   
A   "C5'" "H5'"  sing N N 9   
A   "C5'" "H5''" sing N N 10  
A   "C4'" "O4'"  sing N N 11  
A   "C4'" "C3'"  sing N N 12  
A   "C4'" "H4'"  sing N N 13  
A   "O4'" "C1'"  sing N N 14  
A   "C3'" "O3'"  sing N N 15  
A   "C3'" "C2'"  sing N N 16  
A   "C3'" "H3'"  sing N N 17  
A   "O3'" "HO3'" sing N N 18  
A   "C2'" "O2'"  sing N N 19  
A   "C2'" "C1'"  sing N N 20  
A   "C2'" "H2'"  sing N N 21  
A   "O2'" "HO2'" sing N N 22  
A   "C1'" N9     sing N N 23  
A   "C1'" "H1'"  sing N N 24  
A   N9    C8     sing Y N 25  
A   N9    C4     sing Y N 26  
A   C8    N7     doub Y N 27  
A   C8    H8     sing N N 28  
A   N7    C5     sing Y N 29  
A   C5    C6     sing Y N 30  
A   C5    C4     doub Y N 31  
A   C6    N6     sing N N 32  
A   C6    N1     doub Y N 33  
A   N6    H61    sing N N 34  
A   N6    H62    sing N N 35  
A   N1    C2     sing Y N 36  
A   C2    N3     doub Y N 37  
A   C2    H2     sing N N 38  
A   N3    C4     sing Y N 39  
AF2 F     "C2'"  sing N N 40  
AF2 P     OP1    doub N N 41  
AF2 P     OP2    sing N N 42  
AF2 N1    C6     sing Y N 43  
AF2 C2    N1     doub Y N 44  
AF2 C2    N3     sing Y N 45  
AF2 N3    C4     doub Y N 46  
AF2 C4    N9     sing Y N 47  
AF2 C4    C5     sing Y N 48  
AF2 C5    N7     sing Y N 49  
AF2 C6    C5     doub Y N 50  
AF2 C6    N6     sing N N 51  
AF2 N6    HN6A   sing N N 52  
AF2 C8    N7     doub Y N 53  
AF2 C8    H8     sing N N 54  
AF2 N9    C8     sing Y N 55  
AF2 "C1'" N9     sing N N 56  
AF2 "C1'" "C2'"  sing N N 57  
AF2 OP2   HOP2   sing N N 58  
AF2 "C2'" "H2'"  sing N N 59  
AF2 "C2'" "C3'"  sing N N 60  
AF2 "C3'" "H3'"  sing N N 61  
AF2 "C3'" "O3'"  sing N N 62  
AF2 "O3'" "HO3'" sing N N 63  
AF2 "C4'" "C3'"  sing N N 64  
AF2 "C4'" "C5'"  sing N N 65  
AF2 "O4'" "C1'"  sing N N 66  
AF2 "O4'" "C4'"  sing N N 67  
AF2 "C5'" "O5'"  sing N N 68  
AF2 "C5'" "H5'A" sing N N 69  
AF2 "O5'" P      sing N N 70  
AF2 H2    C2     sing N N 71  
AF2 "H5'" "C5'"  sing N N 72  
AF2 "H1'" "C1'"  sing N N 73  
AF2 "H4'" "C4'"  sing N N 74  
AF2 HN6   N6     sing N N 75  
AF2 P     OP3    sing N N 76  
AF2 OP3   HOP3   sing N N 77  
CFZ O2P   P      doub N N 78  
CFZ P     "O5'"  sing N N 79  
CFZ P     O1P    sing N N 80  
CFZ P     O3P    sing N N 81  
CFZ C6    N1     sing N N 82  
CFZ C2    N1     sing N N 83  
CFZ N1    "C1'"  sing N N 84  
CFZ N3    C2     sing N N 85  
CFZ C2    O2     doub N N 86  
CFZ C4    N3     doub N N 87  
CFZ N4    C4     sing N N 88  
CFZ C4    C5     sing N N 89  
CFZ N4    HN4    sing N N 90  
CFZ N4    HN4A   sing N N 91  
CFZ C5    C6     doub N N 92  
CFZ C5    H5     sing N N 93  
CFZ C6    H6     sing N N 94  
CFZ "C2'" "C1'"  sing N N 95  
CFZ "C1'" "O4'"  sing N N 96  
CFZ "C1'" "H1'"  sing N N 97  
CFZ O1P   HO1P   sing N N 98  
CFZ "C3'" "C2'"  sing N N 99  
CFZ "C2'" "F2'"  sing N N 100 
CFZ "C2'" "H2'"  sing N N 101 
CFZ "C3'" "O3'"  sing N N 102 
CFZ "C3'" "C4'"  sing N N 103 
CFZ "C3'" "H3'"  sing N N 104 
CFZ "O3'" "HO3'" sing N N 105 
CFZ O3P   HO3P   sing N N 106 
CFZ "O4'" "C4'"  sing N N 107 
CFZ "C5'" "C4'"  sing N N 108 
CFZ "C4'" "H4'"  sing N N 109 
CFZ "O5'" "C5'"  sing N N 110 
CFZ "C5'" "H5'"  sing N N 111 
CFZ "C5'" "H5'A" sing N N 112 
G   OP3   P      sing N N 113 
G   OP3   HOP3   sing N N 114 
G   P     OP1    doub N N 115 
G   P     OP2    sing N N 116 
G   P     "O5'"  sing N N 117 
G   OP2   HOP2   sing N N 118 
G   "O5'" "C5'"  sing N N 119 
G   "C5'" "C4'"  sing N N 120 
G   "C5'" "H5'"  sing N N 121 
G   "C5'" "H5''" sing N N 122 
G   "C4'" "O4'"  sing N N 123 
G   "C4'" "C3'"  sing N N 124 
G   "C4'" "H4'"  sing N N 125 
G   "O4'" "C1'"  sing N N 126 
G   "C3'" "O3'"  sing N N 127 
G   "C3'" "C2'"  sing N N 128 
G   "C3'" "H3'"  sing N N 129 
G   "O3'" "HO3'" sing N N 130 
G   "C2'" "O2'"  sing N N 131 
G   "C2'" "C1'"  sing N N 132 
G   "C2'" "H2'"  sing N N 133 
G   "O2'" "HO2'" sing N N 134 
G   "C1'" N9     sing N N 135 
G   "C1'" "H1'"  sing N N 136 
G   N9    C8     sing Y N 137 
G   N9    C4     sing Y N 138 
G   C8    N7     doub Y N 139 
G   C8    H8     sing N N 140 
G   N7    C5     sing Y N 141 
G   C5    C6     sing N N 142 
G   C5    C4     doub Y N 143 
G   C6    O6     doub N N 144 
G   C6    N1     sing N N 145 
G   N1    C2     sing N N 146 
G   N1    H1     sing N N 147 
G   C2    N2     sing N N 148 
G   C2    N3     doub N N 149 
G   N2    H21    sing N N 150 
G   N2    H22    sing N N 151 
G   N3    C4     sing N N 152 
HOH O     H1     sing N N 153 
HOH O     H2     sing N N 154 
U   OP3   P      sing N N 155 
U   OP3   HOP3   sing N N 156 
U   P     OP1    doub N N 157 
U   P     OP2    sing N N 158 
U   P     "O5'"  sing N N 159 
U   OP2   HOP2   sing N N 160 
U   "O5'" "C5'"  sing N N 161 
U   "C5'" "C4'"  sing N N 162 
U   "C5'" "H5'"  sing N N 163 
U   "C5'" "H5''" sing N N 164 
U   "C4'" "O4'"  sing N N 165 
U   "C4'" "C3'"  sing N N 166 
U   "C4'" "H4'"  sing N N 167 
U   "O4'" "C1'"  sing N N 168 
U   "C3'" "O3'"  sing N N 169 
U   "C3'" "C2'"  sing N N 170 
U   "C3'" "H3'"  sing N N 171 
U   "O3'" "HO3'" sing N N 172 
U   "C2'" "O2'"  sing N N 173 
U   "C2'" "C1'"  sing N N 174 
U   "C2'" "H2'"  sing N N 175 
U   "O2'" "HO2'" sing N N 176 
U   "C1'" N1     sing N N 177 
U   "C1'" "H1'"  sing N N 178 
U   N1    C2     sing N N 179 
U   N1    C6     sing N N 180 
U   C2    O2     doub N N 181 
U   C2    N3     sing N N 182 
U   N3    C4     sing N N 183 
U   N3    H3     sing N N 184 
U   C4    O4     doub N N 185 
U   C4    C5     sing N N 186 
U   C5    C6     doub N N 187 
U   C5    H5     sing N N 188 
U   C6    H6     sing N N 189 
UFT OP3   P      sing N N 190 
UFT OP1   P      doub N N 191 
UFT P     OP2    sing N N 192 
UFT P     "O5'"  sing N N 193 
UFT OP3   HOP3   sing N N 194 
UFT OP2   HOP2   sing N N 195 
UFT "O5'" "C5'"  sing N N 196 
UFT C6    N1     sing N N 197 
UFT N1    C2     sing N N 198 
UFT N1    "C1'"  sing N N 199 
UFT C5    C6     doub N N 200 
UFT C6    H6     sing N N 201 
UFT N3    C2     sing N N 202 
UFT C2    O2     doub N N 203 
UFT C4    N3     sing N N 204 
UFT O4    C4     doub N N 205 
UFT C5    C4     sing N N 206 
UFT C5    H5     sing N N 207 
UFT "C2'" "F2'"  sing N N 208 
UFT "C3'" "C2'"  sing N N 209 
UFT "C2'" "C1'"  sing N N 210 
UFT "C2'" "H2'"  sing N N 211 
UFT "C5'" "C4'"  sing N N 212 
UFT "C5'" "H5'"  sing N N 213 
UFT "C5'" "H5'A" sing N N 214 
UFT "C3'" "C4'"  sing N N 215 
UFT "C4'" "O4'"  sing N N 216 
UFT "C4'" "H4'"  sing N N 217 
UFT "O4'" "C1'"  sing N N 218 
UFT "C1'" "H1'"  sing N N 219 
UFT "C3'" "O3'"  sing N N 220 
UFT "C3'" "H3'"  sing N N 221 
UFT "O3'" "HO3'" sing N N 222 
UFT N3    HN3    sing N N 223 
# 
loop_
_ndb_struct_na_base_pair.model_number 
_ndb_struct_na_base_pair.i_label_asym_id 
_ndb_struct_na_base_pair.i_label_comp_id 
_ndb_struct_na_base_pair.i_label_seq_id 
_ndb_struct_na_base_pair.i_symmetry 
_ndb_struct_na_base_pair.j_label_asym_id 
_ndb_struct_na_base_pair.j_label_comp_id 
_ndb_struct_na_base_pair.j_label_seq_id 
_ndb_struct_na_base_pair.j_symmetry 
_ndb_struct_na_base_pair.shear 
_ndb_struct_na_base_pair.stretch 
_ndb_struct_na_base_pair.stagger 
_ndb_struct_na_base_pair.buckle 
_ndb_struct_na_base_pair.propeller 
_ndb_struct_na_base_pair.opening 
_ndb_struct_na_base_pair.pair_number 
_ndb_struct_na_base_pair.pair_name 
_ndb_struct_na_base_pair.i_auth_asym_id 
_ndb_struct_na_base_pair.i_auth_seq_id 
_ndb_struct_na_base_pair.i_PDB_ins_code 
_ndb_struct_na_base_pair.j_auth_asym_id 
_ndb_struct_na_base_pair.j_auth_seq_id 
_ndb_struct_na_base_pair.j_PDB_ins_code 
_ndb_struct_na_base_pair.hbond_type_28 
_ndb_struct_na_base_pair.hbond_type_12 
1 A A   4 1_555 B UFT 5 1_555 -0.013 -0.029 0.116 4.303  -18.025 9.564 1 A_A104:UFT213_B A 104 ? B 213 ? 20 1 
1 A UFT 5 1_555 B A   4 1_555 0.078  -0.183 0.020 -1.478 -10.770 2.382 2 A_UFT105:A212_B A 105 ? B 212 ? 20 1 
# 
_ndb_struct_na_base_pair_step.model_number        1 
_ndb_struct_na_base_pair_step.i_label_asym_id_1   A 
_ndb_struct_na_base_pair_step.i_label_comp_id_1   A 
_ndb_struct_na_base_pair_step.i_label_seq_id_1    4 
_ndb_struct_na_base_pair_step.i_symmetry_1        1_555 
_ndb_struct_na_base_pair_step.j_label_asym_id_1   B 
_ndb_struct_na_base_pair_step.j_label_comp_id_1   UFT 
_ndb_struct_na_base_pair_step.j_label_seq_id_1    5 
_ndb_struct_na_base_pair_step.j_symmetry_1        1_555 
_ndb_struct_na_base_pair_step.i_label_asym_id_2   A 
_ndb_struct_na_base_pair_step.i_label_comp_id_2   UFT 
_ndb_struct_na_base_pair_step.i_label_seq_id_2    5 
_ndb_struct_na_base_pair_step.i_symmetry_2        1_555 
_ndb_struct_na_base_pair_step.j_label_asym_id_2   B 
_ndb_struct_na_base_pair_step.j_label_comp_id_2   A 
_ndb_struct_na_base_pair_step.j_label_seq_id_2    4 
_ndb_struct_na_base_pair_step.j_symmetry_2        1_555 
_ndb_struct_na_base_pair_step.shift               -0.710 
_ndb_struct_na_base_pair_step.slide               -1.293 
_ndb_struct_na_base_pair_step.rise                3.369 
_ndb_struct_na_base_pair_step.tilt                -2.100 
_ndb_struct_na_base_pair_step.roll                18.824 
_ndb_struct_na_base_pair_step.twist               30.189 
_ndb_struct_na_base_pair_step.x_displacement      -4.690 
_ndb_struct_na_base_pair_step.y_displacement      0.876 
_ndb_struct_na_base_pair_step.helical_rise        2.248 
_ndb_struct_na_base_pair_step.inclination         32.441 
_ndb_struct_na_base_pair_step.tip                 3.620 
_ndb_struct_na_base_pair_step.helical_twist       35.521 
_ndb_struct_na_base_pair_step.step_number         1 
_ndb_struct_na_base_pair_step.step_name           AA_A104UFT105:A212UFT213_BB 
_ndb_struct_na_base_pair_step.i_auth_asym_id_1    A 
_ndb_struct_na_base_pair_step.i_auth_seq_id_1     104 
_ndb_struct_na_base_pair_step.i_PDB_ins_code_1    ? 
_ndb_struct_na_base_pair_step.j_auth_asym_id_1    B 
_ndb_struct_na_base_pair_step.j_auth_seq_id_1     213 
_ndb_struct_na_base_pair_step.j_PDB_ins_code_1    ? 
_ndb_struct_na_base_pair_step.i_auth_asym_id_2    A 
_ndb_struct_na_base_pair_step.i_auth_seq_id_2     105 
_ndb_struct_na_base_pair_step.i_PDB_ins_code_2    ? 
_ndb_struct_na_base_pair_step.j_auth_asym_id_2    B 
_ndb_struct_na_base_pair_step.j_auth_seq_id_2     212 
_ndb_struct_na_base_pair_step.j_PDB_ins_code_2    ? 
# 
_atom_sites.entry_id                    3P4C 
_atom_sites.fract_transf_matrix[1][1]   0.01260333 
_atom_sites.fract_transf_matrix[1][2]   -0.02498604 
_atom_sites.fract_transf_matrix[1][3]   -0.00526681 
_atom_sites.fract_transf_matrix[2][1]   0.02608770 
_atom_sites.fract_transf_matrix[2][2]   -0.00066550 
_atom_sites.fract_transf_matrix[2][3]   -0.01139612 
_atom_sites.fract_transf_matrix[3][1]   0.00341653 
_atom_sites.fract_transf_matrix[3][2]   0.00007569 
_atom_sites.fract_transf_matrix[3][3]   0.00781662 
_atom_sites.fract_transf_vector[1]      0.201587 
_atom_sites.fract_transf_vector[2]      0.280621 
_atom_sites.fract_transf_vector[3]      0.257034 
# 
loop_
_atom_type.symbol 
C  
F  
N  
O  
P  
SR 
# 
loop_
_atom_site.group_PDB 
_atom_site.id 
_atom_site.type_symbol 
_atom_site.label_atom_id 
_atom_site.label_alt_id 
_atom_site.label_comp_id 
_atom_site.label_asym_id 
_atom_site.label_entity_id 
_atom_site.label_seq_id 
_atom_site.pdbx_PDB_ins_code 
_atom_site.Cartn_x 
_atom_site.Cartn_y 
_atom_site.Cartn_z 
_atom_site.occupancy 
_atom_site.B_iso_or_equiv 
_atom_site.pdbx_formal_charge 
_atom_site.auth_seq_id 
_atom_site.auth_comp_id 
_atom_site.auth_asym_id 
_atom_site.auth_atom_id 
_atom_site.pdbx_PDB_model_num 
HETATM 1   N  N1    . CFZ A 1 1 ? 4.122   -3.700  -10.085 1.00 12.74 ? 101 CFZ A N1    1 
HETATM 2   C  C2    . CFZ A 1 1 ? 3.561   -2.511  -10.548 1.00 12.65 ? 101 CFZ A C2    1 
HETATM 3   O  O2    . CFZ A 1 1 ? 4.304   -1.680  -11.112 1.00 14.03 ? 101 CFZ A O2    1 
HETATM 4   N  N3    . CFZ A 1 1 ? 2.240   -2.314  -10.378 1.00 11.89 ? 101 CFZ A N3    1 
HETATM 5   C  C4    . CFZ A 1 1 ? 1.484   -3.241  -9.767  1.00 12.88 ? 101 CFZ A C4    1 
HETATM 6   N  N4    . CFZ A 1 1 ? 0.186   -2.969  -9.631  1.00 12.14 ? 101 CFZ A N4    1 
HETATM 7   C  C5    . CFZ A 1 1 ? 2.013   -4.481  -9.265  1.00 14.89 ? 101 CFZ A C5    1 
HETATM 8   C  C6    . CFZ A 1 1 ? 3.343   -4.632  -9.466  1.00 15.17 ? 101 CFZ A C6    1 
HETATM 9   C  "C1'" . CFZ A 1 1 ? 5.562   -3.887  -10.289 1.00 15.57 ? 101 CFZ A "C1'" 1 
HETATM 10  C  "C2'" . CFZ A 1 1 ? 6.419   -3.060  -9.334  1.00 14.83 ? 101 CFZ A "C2'" 1 
HETATM 11  F  "F2'" . CFZ A 1 1 ? 7.632   -2.946  -9.994  1.00 19.62 ? 101 CFZ A "F2'" 1 
HETATM 12  C  "C3'" . CFZ A 1 1 ? 6.681   -4.052  -8.216  1.00 15.49 ? 101 CFZ A "C3'" 1 
HETATM 13  O  "O3'" . CFZ A 1 1 ? 7.816   -3.761  -7.427  1.00 18.28 ? 101 CFZ A "O3'" 1 
HETATM 14  C  "C4'" . CFZ A 1 1 ? 6.883   -5.333  -9.017  1.00 18.43 ? 101 CFZ A "C4'" 1 
HETATM 15  O  "O4'" . CFZ A 1 1 ? 5.860   -5.249  -10.047 1.00 18.50 ? 101 CFZ A "O4'" 1 
HETATM 16  C  "C5'" . CFZ A 1 1 ? 6.751   -6.617  -8.247  1.00 22.74 ? 101 CFZ A "C5'" 1 
HETATM 17  O  "O5'" . CFZ A 1 1 ? 5.359   -6.736  -7.883  1.00 24.96 ? 101 CFZ A "O5'" 1 
ATOM   18  P  P     . G   A 1 2 ? 7.617   -2.832  -6.120  1.00 14.90 ? 102 G   A P     1 
ATOM   19  O  OP1   . G   A 1 2 ? 8.881   -2.920  -5.368  1.00 17.84 ? 102 G   A OP1   1 
ATOM   20  O  OP2   . G   A 1 2 ? 6.325   -3.189  -5.495  1.00 15.88 ? 102 G   A OP2   1 
ATOM   21  O  "O5'" . G   A 1 2 ? 7.483   -1.391  -6.750  1.00 15.00 ? 102 G   A "O5'" 1 
ATOM   22  C  "C5'" . G   A 1 2 ? 8.559   -0.784  -7.498  1.00 15.00 ? 102 G   A "C5'" 1 
ATOM   23  C  "C4'" . G   A 1 2 ? 8.074   0.605   -7.860  1.00 14.86 ? 102 G   A "C4'" 1 
ATOM   24  O  "O4'" . G   A 1 2 ? 7.014   0.513   -8.836  1.00 14.21 ? 102 G   A "O4'" 1 
ATOM   25  C  "C3'" . G   A 1 2 ? 7.447   1.427   -6.748  1.00 13.40 ? 102 G   A "C3'" 1 
ATOM   26  O  "O3'" . G   A 1 2 ? 8.447   2.016   -5.964  1.00 13.90 ? 102 G   A "O3'" 1 
ATOM   27  C  "C2'" . G   A 1 2 ? 6.618   2.453   -7.495  1.00 12.66 ? 102 G   A "C2'" 1 
ATOM   28  O  "O2'" . G   A 1 2 ? 7.462   3.438   -8.180  1.00 16.17 ? 102 G   A "O2'" 1 
ATOM   29  C  "C1'" . G   A 1 2 ? 6.048   1.567   -8.570  1.00 12.62 ? 102 G   A "C1'" 1 
ATOM   30  N  N9    . G   A 1 2 ? 4.791   0.884   -8.254  1.00 11.24 ? 102 G   A N9    1 
ATOM   31  C  C8    . G   A 1 2 ? 4.578   -0.389  -7.856  1.00 10.79 ? 102 G   A C8    1 
ATOM   32  N  N7    . G   A 1 2 ? 3.323   -0.678  -7.657  1.00 11.02 ? 102 G   A N7    1 
ATOM   33  C  C5    . G   A 1 2 ? 2.645   0.511   -7.953  1.00 9.24  ? 102 G   A C5    1 
ATOM   34  C  C6    . G   A 1 2 ? 1.274   0.829   -7.929  1.00 9.49  ? 102 G   A C6    1 
ATOM   35  O  O6    . G   A 1 2 ? 0.344   0.086   -7.623  1.00 10.20 ? 102 G   A O6    1 
ATOM   36  N  N1    . G   A 1 2 ? 1.009   2.132   -8.288  1.00 8.65  ? 102 G   A N1    1 
ATOM   37  C  C2    . G   A 1 2 ? 1.964   3.033   -8.639  1.00 8.61  ? 102 G   A C2    1 
ATOM   38  N  N2    . G   A 1 2 ? 1.542   4.265   -8.968  1.00 9.34  ? 102 G   A N2    1 
ATOM   39  N  N3    . G   A 1 2 ? 3.262   2.759   -8.676  1.00 9.56  ? 102 G   A N3    1 
ATOM   40  C  C4    . G   A 1 2 ? 3.550   1.489   -8.325  1.00 10.80 ? 102 G   A C4    1 
HETATM 41  F  F     . AF2 A 1 3 ? 4.483   7.802   -5.052  1.00 11.94 ? 103 AF2 A F     1 
HETATM 42  P  P     . AF2 A 1 3 ? 8.152   2.391   -4.449  1.00 12.89 ? 103 AF2 A P     1 
HETATM 43  N  N1    . AF2 A 1 3 ? -0.300  3.216   -5.063  1.00 8.73  ? 103 AF2 A N1    1 
HETATM 44  C  C2    . AF2 A 1 3 ? -0.021  4.490   -5.339  1.00 10.05 ? 103 AF2 A C2    1 
HETATM 45  N  N3    . AF2 A 1 3 ? 1.194   5.025   -5.466  1.00 8.96  ? 103 AF2 A N3    1 
HETATM 46  C  C4    . AF2 A 1 3 ? 2.163   4.123   -5.297  1.00 8.48  ? 103 AF2 A C4    1 
HETATM 47  C  C5    . AF2 A 1 3 ? 1.991   2.793   -5.011  1.00 8.84  ? 103 AF2 A C5    1 
HETATM 48  C  C6    . AF2 A 1 3 ? 0.678   2.311   -4.889  1.00 8.48  ? 103 AF2 A C6    1 
HETATM 49  N  N6    . AF2 A 1 3 ? 0.362   1.055   -4.611  1.00 9.85  ? 103 AF2 A N6    1 
HETATM 50  N  N7    . AF2 A 1 3 ? 3.212   2.162   -4.889  1.00 10.17 ? 103 AF2 A N7    1 
HETATM 51  C  C8    . AF2 A 1 3 ? 4.095   3.106   -5.111  1.00 10.54 ? 103 AF2 A C8    1 
HETATM 52  N  N9    . AF2 A 1 3 ? 3.542   4.329   -5.360  1.00 8.82  ? 103 AF2 A N9    1 
HETATM 53  C  "C1'" . AF2 A 1 3 ? 4.172   5.617   -5.652  1.00 10.61 ? 103 AF2 A "C1'" 1 
HETATM 54  O  OP2   . AF2 A 1 3 ? 7.341   1.290   -3.856  1.00 16.98 ? 103 AF2 A OP2   1 
HETATM 55  C  "C2'" . AF2 A 1 3 ? 4.325   6.541   -4.477  1.00 10.25 ? 103 AF2 A "C2'" 1 
HETATM 56  O  OP1   . AF2 A 1 3 ? 9.418   2.817   -3.814  1.00 16.29 ? 103 AF2 A OP1   1 
HETATM 57  C  "C3'" . AF2 A 1 3 ? 5.674   6.102   -3.937  1.00 10.88 ? 103 AF2 A "C3'" 1 
HETATM 58  O  "O3'" . AF2 A 1 3 ? 6.307   7.085   -3.139  1.00 11.94 ? 103 AF2 A "O3'" 1 
HETATM 59  C  "C4'" . AF2 A 1 3 ? 6.470   5.845   -5.209  1.00 10.81 ? 103 AF2 A "C4'" 1 
HETATM 60  O  "O4'" . AF2 A 1 3 ? 5.489   5.294   -6.134  1.00 11.92 ? 103 AF2 A "O4'" 1 
HETATM 61  C  "C5'" . AF2 A 1 3 ? 7.651   4.907   -5.085  1.00 11.76 ? 103 AF2 A "C5'" 1 
HETATM 62  O  "O5'" . AF2 A 1 3 ? 7.184   3.654   -4.534  1.00 10.66 ? 103 AF2 A "O5'" 1 
ATOM   63  P  P     . A   A 1 4 ? 6.099   7.017   -1.534  1.00 11.05 ? 104 A   A P     1 
ATOM   64  O  OP1   . A   A 1 4 ? 6.936   8.129   -1.004  1.00 13.45 ? 104 A   A OP1   1 
ATOM   65  O  OP2   . A   A 1 4 ? 6.328   5.635   -1.062  1.00 13.56 ? 104 A   A OP2   1 
ATOM   66  O  "O5'" . A   A 1 4 ? 4.569   7.372   -1.345  1.00 9.49  ? 104 A   A "O5'" 1 
ATOM   67  C  "C5'" . A   A 1 4 ? 4.096   8.701   -1.642  1.00 9.36  ? 104 A   A "C5'" 1 
ATOM   68  C  "C4'" . A   A 1 4 ? 2.588   8.664   -1.542  1.00 9.56  ? 104 A   A "C4'" 1 
ATOM   69  O  "O4'" . A   A 1 4 ? 2.039   7.716   -2.479  1.00 9.69  ? 104 A   A "O4'" 1 
ATOM   70  C  "C3'" . A   A 1 4 ? 2.007   8.183   -0.221  1.00 10.19 ? 104 A   A "C3'" 1 
ATOM   71  O  "O3'" . A   A 1 4 ? 2.141   9.181   0.765   1.00 12.13 ? 104 A   A "O3'" 1 
ATOM   72  C  "C2'" . A   A 1 4 ? 0.573   7.865   -0.649  1.00 10.43 ? 104 A   A "C2'" 1 
ATOM   73  O  "O2'" . A   A 1 4 ? -0.202  8.912   -0.777  1.00 15.46 ? 104 A   A "O2'" 1 
ATOM   74  C  "C1'" . A   A 1 4 ? 0.845   7.127   -1.956  1.00 9.67  ? 104 A   A "C1'" 1 
ATOM   75  N  N9    . A   A 1 4 ? 1.097   5.690   -1.845  1.00 9.58  ? 104 A   A N9    1 
ATOM   76  C  C8    . A   A 1 4 ? 2.317   5.033   -1.756  1.00 9.43  ? 104 A   A C8    1 
ATOM   77  N  N7    . A   A 1 4 ? 2.178   3.733   -1.671  1.00 10.61 ? 104 A   A N7    1 
ATOM   78  C  C5    . A   A 1 4 ? 0.823   3.481   -1.697  1.00 11.88 ? 104 A   A C5    1 
ATOM   79  C  C6    . A   A 1 4 ? 0.032   2.308   -1.644  1.00 12.55 ? 104 A   A C6    1 
ATOM   80  N  N6    . A   A 1 4 ? 0.490   1.057   -1.538  1.00 13.32 ? 104 A   A N6    1 
ATOM   81  N  N1    . A   A 1 4 ? -1.305  2.464   -1.700  1.00 14.24 ? 104 A   A N1    1 
ATOM   82  C  C2    . A   A 1 4 ? -1.849  3.694   -1.804  1.00 13.18 ? 104 A   A C2    1 
ATOM   83  N  N3    . A   A 1 4 ? -1.168  4.863   -1.864  1.00 11.77 ? 104 A   A N3    1 
ATOM   84  C  C4    . A   A 1 4 ? 0.148   4.686   -1.804  1.00 9.44  ? 104 A   A C4    1 
HETATM 85  P  P     . UFT A 1 5 ? 2.408   8.857   2.308   1.00 13.49 ? 105 UFT A P     1 
HETATM 86  O  OP1   . UFT A 1 5 ? 2.639   10.162  2.965   1.00 16.64 ? 105 UFT A OP1   1 
HETATM 87  O  OP2   . UFT A 1 5 ? 3.425   7.778   2.364   1.00 18.14 ? 105 UFT A OP2   1 
HETATM 88  O  "O5'" . UFT A 1 5 ? 1.055   8.245   2.887   1.00 12.34 ? 105 UFT A "O5'" 1 
HETATM 89  N  N1    . UFT A 1 5 ? -1.335  5.148   2.367   1.00 11.42 ? 105 UFT A N1    1 
HETATM 90  C  C6    . UFT A 1 5 ? -0.028  5.260   1.984   1.00 11.83 ? 105 UFT A C6    1 
HETATM 91  C  C2    . UFT A 1 5 ? -1.956  3.905   2.386   1.00 15.29 ? 105 UFT A C2    1 
HETATM 92  O  O2    . UFT A 1 5 ? -3.130  3.859   2.748   1.00 14.76 ? 105 UFT A O2    1 
HETATM 93  N  N3    . UFT A 1 5 ? -1.158  2.862   1.972   1.00 13.30 ? 105 UFT A N3    1 
HETATM 94  C  C4    . UFT A 1 5 ? 0.155   2.909   1.573   1.00 13.52 ? 105 UFT A C4    1 
HETATM 95  O  O4    . UFT A 1 5 ? 0.752   1.874   1.227   1.00 13.72 ? 105 UFT A O4    1 
HETATM 96  C  C5    . UFT A 1 5 ? 0.715   4.229   1.597   1.00 12.29 ? 105 UFT A C5    1 
HETATM 97  F  "F2'" . UFT A 1 5 ? -3.354  7.066   4.754   1.00 13.75 ? 105 UFT A "F2'" 1 
HETATM 98  C  "C2'" . UFT A 1 5 ? -2.218  6.347   4.342   1.00 11.75 ? 105 UFT A "C2'" 1 
HETATM 99  C  "C5'" . UFT A 1 5 ? -0.082  9.153   3.078   1.00 10.75 ? 105 UFT A "C5'" 1 
HETATM 100 C  "C4'" . UFT A 1 5 ? -1.229  8.287   3.513   1.00 11.14 ? 105 UFT A "C4'" 1 
HETATM 101 O  "O4'" . UFT A 1 5 ? -1.619  7.485   2.360   1.00 10.53 ? 105 UFT A "O4'" 1 
HETATM 102 C  "C1'" . UFT A 1 5 ? -2.173  6.275   2.813   1.00 10.92 ? 105 UFT A "C1'" 1 
HETATM 103 C  "C3'" . UFT A 1 5 ? -1.001  7.233   4.580   1.00 10.58 ? 105 UFT A "C3'" 1 
HETATM 104 O  "O3'" . UFT A 1 5 ? -0.933  7.794   5.873   1.00 11.53 ? 105 UFT A "O3'" 1 
ATOM   105 P  P     . U   A 1 6 ? -0.136  7.011   7.036   1.00 13.06 ? 106 U   A P     1 
ATOM   106 O  OP1   . U   A 1 6 ? -0.090  7.914   8.199   1.00 14.47 ? 106 U   A OP1   1 
ATOM   107 O  OP2   . U   A 1 6 ? 1.137   6.474   6.496   1.00 14.83 ? 106 U   A OP2   1 
ATOM   108 O  "O5'" . U   A 1 6 ? -1.058  5.767   7.341   1.00 13.40 ? 106 U   A "O5'" 1 
ATOM   109 C  "C5'" . U   A 1 6 ? -2.361  5.925   7.939   1.00 14.68 ? 106 U   A "C5'" 1 
ATOM   110 C  "C4'" . U   A 1 6 ? -3.020  4.579   7.902   1.00 13.60 ? 106 U   A "C4'" 1 
ATOM   111 O  "O4'" . U   A 1 6 ? -2.958  4.041   6.562   1.00 13.09 ? 106 U   A "O4'" 1 
ATOM   112 C  "C3'" . U   A 1 6 ? -2.369  3.477   8.725   1.00 13.23 ? 106 U   A "C3'" 1 
ATOM   113 O  "O3'" . U   A 1 6 ? -2.661  3.652   10.106  1.00 14.41 ? 106 U   A "O3'" 1 
ATOM   114 C  "C2'" . U   A 1 6 ? -2.949  2.219   8.092   1.00 13.29 ? 106 U   A "C2'" 1 
ATOM   115 O  "O2'" . U   A 1 6 ? -4.424  2.140   8.434   1.00 15.01 ? 106 U   A "O2'" 1 
ATOM   116 C  "C1'" . U   A 1 6 ? -2.911  2.626   6.617   1.00 13.34 ? 106 U   A "C1'" 1 
ATOM   117 N  N1    . U   A 1 6 ? -1.688  2.193   5.921   1.00 12.11 ? 106 U   A N1    1 
ATOM   118 C  C2    . U   A 1 6 ? -1.672  0.878   5.540   1.00 10.81 ? 106 U   A C2    1 
ATOM   119 O  O2    . U   A 1 6 ? -2.614  0.152   5.777   1.00 11.36 ? 106 U   A O2    1 
ATOM   120 N  N3    . U   A 1 6 ? -0.540  0.474   4.894   1.00 11.37 ? 106 U   A N3    1 
ATOM   121 C  C4    . U   A 1 6 ? 0.565   1.255   4.587   1.00 13.56 ? 106 U   A C4    1 
ATOM   122 O  O4    . U   A 1 6 ? 1.498   0.726   4.001   1.00 12.73 ? 106 U   A O4    1 
ATOM   123 C  C5    . U   A 1 6 ? 0.478   2.626   5.018   1.00 13.26 ? 106 U   A C5    1 
ATOM   124 C  C6    . U   A 1 6 ? -0.636  3.049   5.664   1.00 12.97 ? 106 U   A C6    1 
HETATM 125 P  P     . CFZ A 1 7 ? -1.625  3.088   11.192  1.00 15.29 ? 107 CFZ A P     1 
HETATM 126 N  N1    . CFZ A 1 7 ? -0.949  -1.583  8.945   1.00 16.22 ? 107 CFZ A N1    1 
HETATM 127 C  C2    . CFZ A 1 7 ? -0.325  -2.653  8.282   1.00 18.91 ? 107 CFZ A C2    1 
HETATM 128 O  O2    . CFZ A 1 7 ? -0.825  -3.770  8.464   1.00 18.59 ? 107 CFZ A O2    1 
HETATM 129 N  N3    . CFZ A 1 7 ? 0.753   -2.407  7.501   1.00 17.86 ? 107 CFZ A N3    1 
HETATM 130 C  C4    . CFZ A 1 7 ? 1.186   -1.149  7.393   1.00 21.35 ? 107 CFZ A C4    1 
HETATM 131 N  N4    . CFZ A 1 7 ? 2.255   -0.960  6.609   1.00 20.61 ? 107 CFZ A N4    1 
HETATM 132 C  C5    . CFZ A 1 7 ? 0.569   -0.054  8.058   1.00 20.57 ? 107 CFZ A C5    1 
HETATM 133 C  C6    . CFZ A 1 7 ? -0.494  -0.310  8.833   1.00 17.60 ? 107 CFZ A C6    1 
HETATM 134 C  "C1'" . CFZ A 1 7 ? -2.107  -1.976  9.760   1.00 14.94 ? 107 CFZ A "C1'" 1 
HETATM 135 O  O1P   . CFZ A 1 7 ? -2.060  3.593   12.522  1.00 22.79 ? 107 CFZ A O1P   1 
HETATM 136 C  "C2'" . CFZ A 1 7 ? -1.689  -2.512  11.122  1.00 13.57 ? 107 CFZ A "C2'" 1 
HETATM 137 F  "F2'" . CFZ A 1 7 ? -2.769  -3.290  11.562  1.00 16.81 ? 107 CFZ A "F2'" 1 
HETATM 138 O  O2P   . CFZ A 1 7 ? -0.245  3.345   10.728  1.00 17.86 ? 107 CFZ A O2P   1 
HETATM 139 C  "C3'" . CFZ A 1 7 ? -1.754  -1.241  11.940  1.00 13.16 ? 107 CFZ A "C3'" 1 
HETATM 140 O  "O3'" . CFZ A 1 7 ? -1.892  -1.480  13.325  1.00 12.95 ? 107 CFZ A "O3'" 1 
HETATM 141 C  "C4'" . CFZ A 1 7 ? -2.992  -0.549  11.381  1.00 13.91 ? 107 CFZ A "C4'" 1 
HETATM 142 O  "O4'" . CFZ A 1 7 ? -2.922  -0.828  9.959   1.00 15.71 ? 107 CFZ A "O4'" 1 
HETATM 143 C  "C5'" . CFZ A 1 7 ? -3.073  0.931   11.599  1.00 14.91 ? 107 CFZ A "C5'" 1 
HETATM 144 O  "O5'" . CFZ A 1 7 ? -1.822  1.501   11.141  1.00 14.05 ? 107 CFZ A "O5'" 1 
ATOM   145 P  P     . G   A 1 8 ? -0.575  -1.760  14.182  1.00 12.78 ? 108 G   A P     1 
ATOM   146 O  OP1   A G   A 1 8 ? 0.148   -2.938  13.625  0.76 15.56 ? 108 G   A OP1   1 
ATOM   147 O  OP1   B G   A 1 8 ? -1.087  -1.883  15.581  0.24 14.71 ? 108 G   A OP1   1 
ATOM   148 O  OP2   A G   A 1 8 ? -1.087  -1.883  15.581  0.76 14.71 ? 108 G   A OP2   1 
ATOM   149 O  OP2   B G   A 1 8 ? 0.405   -0.695  13.858  0.24 13.62 ? 108 G   A OP2   1 
ATOM   150 O  "O5'" A G   A 1 8 ? 0.299   -0.477  13.987  0.76 12.07 ? 108 G   A "O5'" 1 
ATOM   151 O  "O5'" B G   A 1 8 ? 0.000   -3.164  13.780  0.24 15.59 ? 108 G   A "O5'" 1 
ATOM   152 C  "C5'" A G   A 1 8 ? -0.184  0.844   14.295  0.76 17.93 ? 108 G   A "C5'" 1 
ATOM   153 C  "C5'" B G   A 1 8 ? 0.479   -4.051  14.834  0.24 23.73 ? 108 G   A "C5'" 1 
ATOM   154 C  "C4'" A G   A 1 8 ? 1.055   1.587   14.748  0.76 14.56 ? 108 G   A "C4'" 1 
ATOM   155 C  "C4'" B G   A 1 8 ? 0.315   -5.429  14.206  0.24 20.26 ? 108 G   A "C4'" 1 
ATOM   156 O  "O4'" A G   A 1 8 ? 1.556   0.960   15.959  0.76 13.79 ? 108 G   A "O4'" 1 
ATOM   157 O  "O4'" B G   A 1 8 ? -0.042  -5.159  12.826  0.24 13.27 ? 108 G   A "O4'" 1 
ATOM   158 C  "C3'" A G   A 1 8 ? 2.191   1.588   13.750  0.76 16.93 ? 108 G   A "C3'" 1 
ATOM   159 C  "C3'" B G   A 1 8 ? 1.535   -6.305  14.183  0.24 17.81 ? 108 G   A "C3'" 1 
ATOM   160 O  "O3'" A G   A 1 8 ? 2.137   2.711   12.886  0.76 32.11 ? 108 G   A "O3'" 1 
ATOM   161 O  "O3'" B G   A 1 8 ? 1.309   -7.539  14.858  0.24 17.40 ? 108 G   A "O3'" 1 
ATOM   162 C  "C2'" A G   A 1 8 ? 3.414   1.614   14.646  0.76 20.07 ? 108 G   A "C2'" 1 
ATOM   163 C  "C2'" B G   A 1 8 ? 1.910   -6.503  12.730  0.24 12.34 ? 108 G   A "C2'" 1 
ATOM   164 O  "O2'" A G   A 1 8 ? 3.474   2.958   15.274  0.76 21.84 ? 108 G   A "O2'" 1 
ATOM   165 O  "O2'" B G   A 1 8 ? 1.134   -7.956  12.454  0.24 12.82 ? 108 G   A "O2'" 1 
ATOM   166 C  "C1'" A G   A 1 8 ? 2.953   0.711   15.789  0.76 14.85 ? 108 G   A "C1'" 1 
ATOM   167 C  "C1'" B G   A 1 8 ? 0.988   -5.570  11.966  0.24 19.59 ? 108 G   A "C1'" 1 
ATOM   168 N  N9    A G   A 1 8 ? 3.132   -0.721  15.550  0.76 12.20 ? 108 G   A N9    1 
ATOM   169 N  N9    B G   A 1 8 ? 1.677   -4.447  11.349  0.24 15.05 ? 108 G   A N9    1 
ATOM   170 C  C8    A G   A 1 8 ? 2.543   -1.679  16.378  0.76 14.52 ? 108 G   A C8    1 
ATOM   171 C  C8    B G   A 1 8 ? 1.670   -3.100  11.546  0.24 15.61 ? 108 G   A C8    1 
ATOM   172 N  N7    A G   A 1 8 ? 2.826   -2.890  15.990  0.76 11.97 ? 108 G   A N7    1 
ATOM   173 N  N7    B G   A 1 8 ? 2.469   -2.437  10.743  0.24 16.50 ? 108 G   A N7    1 
ATOM   174 C  C5    A G   A 1 8 ? 3.631   -2.729  14.869  0.76 12.76 ? 108 G   A C5    1 
ATOM   175 C  C5    B G   A 1 8 ? 3.051   -3.412  9.954   0.24 14.17 ? 108 G   A C5    1 
ATOM   176 C  C6    A G   A 1 8 ? 4.233   -3.733  14.037  0.76 12.15 ? 108 G   A C6    1 
ATOM   177 C  C6    B G   A 1 8 ? 3.998   -3.369  8.898   0.24 6.97  ? 108 G   A C6    1 
ATOM   178 O  O6    A G   A 1 8 ? 4.103   -4.951  14.226  0.76 13.66 ? 108 G   A O6    1 
ATOM   179 O  O6    B G   A 1 8 ? 4.554   -2.374  8.413   0.24 6.76  ? 108 G   A O6    1 
ATOM   180 N  N1    A G   A 1 8 ? 4.980   -3.225  12.994  0.76 11.07 ? 108 G   A N1    1 
ATOM   181 N  N1    B G   A 1 8 ? 4.228   -4.661  8.465   0.24 11.36 ? 108 G   A N1    1 
ATOM   182 C  C2    A G   A 1 8 ? 5.119   -1.849  12.791  0.76 12.32 ? 108 G   A C2    1 
ATOM   183 C  C2    B G   A 1 8 ? 3.699   -5.841  8.894   0.24 10.87 ? 108 G   A C2    1 
ATOM   184 N  N2    A G   A 1 8 ? 5.876   -1.494  11.734  0.76 10.61 ? 108 G   A N2    1 
ATOM   185 N  N2    B G   A 1 8 ? 4.047   -7.008  8.344   0.24 18.39 ? 108 G   A N2    1 
ATOM   186 N  N3    A G   A 1 8 ? 4.577   -0.918  13.542  0.76 12.75 ? 108 G   A N3    1 
ATOM   187 N  N3    B G   A 1 8 ? 2.817   -5.895  9.873   0.24 16.71 ? 108 G   A N3    1 
ATOM   188 C  C4    A G   A 1 8 ? 3.831   -1.390  14.582  0.76 15.63 ? 108 G   A C4    1 
ATOM   189 C  C4    B G   A 1 8 ? 2.579   -4.645  10.309  0.24 12.67 ? 108 G   A C4    1 
HETATM 190 N  N1    . CFZ B 1 1 ? 8.303   -5.581  4.522   0.80 15.50 ? 209 CFZ B N1    1 
HETATM 191 C  C2    . CFZ B 1 1 ? 7.352   -5.508  5.544   0.80 13.30 ? 209 CFZ B C2    1 
HETATM 192 O  O2    . CFZ B 1 1 ? 7.066   -6.587  6.057   0.80 14.18 ? 209 CFZ B O2    1 
HETATM 193 N  N3    . CFZ B 1 1 ? 6.838   -4.328  5.878   0.80 13.99 ? 209 CFZ B N3    1 
HETATM 194 C  C4    . CFZ B 1 1 ? 7.159   -3.190  5.310   0.80 12.88 ? 209 CFZ B C4    1 
HETATM 195 N  N4    . CFZ B 1 1 ? 6.617   -2.029  5.680   0.80 16.74 ? 209 CFZ B N4    1 
HETATM 196 C  C5    . CFZ B 1 1 ? 8.130   -3.212  4.265   0.80 14.48 ? 209 CFZ B C5    1 
HETATM 197 C  C6    . CFZ B 1 1 ? 8.632   -4.405  3.945   0.80 14.40 ? 209 CFZ B C6    1 
HETATM 198 C  "C1'" . CFZ B 1 1 ? 8.874   -6.892  4.154   0.80 19.42 ? 209 CFZ B "C1'" 1 
HETATM 199 C  "C2'" . CFZ B 1 1 ? 7.894   -7.857  3.501   0.80 20.41 ? 209 CFZ B "C2'" 1 
HETATM 200 F  "F2'" . CFZ B 1 1 ? 8.323   -9.142  3.871   0.80 21.85 ? 209 CFZ B "F2'" 1 
HETATM 201 C  "C3'" . CFZ B 1 1 ? 8.208   -7.727  2.032   0.80 16.01 ? 209 CFZ B "C3'" 1 
HETATM 202 O  "O3'" . CFZ B 1 1 ? 8.003   -8.938  1.327   0.80 20.61 ? 209 CFZ B "O3'" 1 
HETATM 203 C  "C4'" . CFZ B 1 1 ? 9.679   -7.369  1.981   0.80 17.08 ? 209 CFZ B "C4'" 1 
HETATM 204 O  "O4'" . CFZ B 1 1 ? 9.895   -6.630  3.210   0.80 18.92 ? 209 CFZ B "O4'" 1 
HETATM 205 C  "C5'" . CFZ B 1 1 ? 10.138  -6.535  0.805   0.80 20.81 ? 209 CFZ B "C5'" 1 
HETATM 206 O  "O5'" . CFZ B 1 1 ? 9.025   -5.831  0.243   0.80 17.69 ? 209 CFZ B "O5'" 1 
ATOM   207 P  P     . G   B 1 2 ? 6.754   -9.044  0.328   1.00 16.36 ? 210 G   B P     1 
ATOM   208 O  OP1   . G   B 1 2 ? 6.985   -10.257 -0.481  1.00 26.00 ? 210 G   B OP1   1 
ATOM   209 O  OP2   . G   B 1 2 ? 6.549   -7.722  -0.324  1.00 20.02 ? 210 G   B OP2   1 
ATOM   210 O  "O5'" . G   B 1 2 ? 5.508   -9.262  1.266   1.00 18.86 ? 210 G   B "O5'" 1 
ATOM   211 C  "C5'" . G   B 1 2 ? 5.175   -10.610 1.676   1.00 21.47 ? 210 G   B "C5'" 1 
ATOM   212 C  "C4'" . G   B 1 2 ? 4.064   -10.470 2.685   1.00 21.04 ? 210 G   B "C4'" 1 
ATOM   213 O  "O4'" . G   B 1 2 ? 4.521   -9.603  3.759   1.00 20.77 ? 210 G   B "O4'" 1 
ATOM   214 C  "C3'" . G   B 1 2 ? 2.776   -9.806  2.242   1.00 17.55 ? 210 G   B "C3'" 1 
ATOM   215 O  "O3'" . G   B 1 2 ? 1.945   -10.675 1.500   1.00 16.85 ? 210 G   B "O3'" 1 
ATOM   216 C  "C2'" . G   B 1 2 ? 2.157   -9.416  3.579   1.00 17.81 ? 210 G   B "C2'" 1 
ATOM   217 O  "O2'" . G   B 1 2 ? 1.776   -10.738 4.202   1.00 19.22 ? 210 G   B "O2'" 1 
ATOM   218 C  "C1'" . G   B 1 2 ? 3.393   -8.966  4.350   1.00 19.11 ? 210 G   B "C1'" 1 
ATOM   219 N  N9    . G   B 1 2 ? 3.632   -7.522  4.292   1.00 19.23 ? 210 G   B N9    1 
ATOM   220 C  C8    . G   B 1 2 ? 4.542   -6.836  3.532   1.00 18.65 ? 210 G   B C8    1 
ATOM   221 N  N7    . G   B 1 2 ? 4.459   -5.533  3.752   1.00 18.74 ? 210 G   B N7    1 
ATOM   222 C  C5    . G   B 1 2 ? 3.451   -5.395  4.693   1.00 16.81 ? 210 G   B C5    1 
ATOM   223 C  C6    . G   B 1 2 ? 2.908   -4.261  5.314   1.00 15.08 ? 210 G   B C6    1 
ATOM   224 O  O6    . G   B 1 2 ? 3.239   -3.110  5.137   1.00 17.56 ? 210 G   B O6    1 
ATOM   225 N  N1    . G   B 1 2 ? 1.889   -4.580  6.211   1.00 16.59 ? 210 G   B N1    1 
ATOM   226 C  C2    . G   B 1 2 ? 1.450   -5.848  6.473   1.00 15.99 ? 210 G   B C2    1 
ATOM   227 N  N2    . G   B 1 2 ? 0.456   -5.999  7.365   1.00 16.81 ? 210 G   B N2    1 
ATOM   228 N  N3    . G   B 1 2 ? 1.938   -6.934  5.907   1.00 18.38 ? 210 G   B N3    1 
ATOM   229 C  C4    . G   B 1 2 ? 2.927   -6.615  5.037   1.00 16.97 ? 210 G   B C4    1 
HETATM 230 F  F     . AF2 B 1 3 ? -3.937  -7.773  4.219   1.00 14.07 ? 211 AF2 B F     1 
HETATM 231 P  P     . AF2 B 1 3 ? 0.951   -10.007 0.426   1.00 19.21 ? 211 AF2 B P     1 
HETATM 232 N  N1    . AF2 B 1 3 ? -0.482  -2.260  4.307   1.00 11.15 ? 211 AF2 B N1    1 
HETATM 233 C  C2    . AF2 B 1 3 ? -1.420  -2.971  4.941   1.00 11.21 ? 211 AF2 B C2    1 
HETATM 234 N  N3    . AF2 B 1 3 ? -1.630  -4.278  4.801   1.00 10.39 ? 211 AF2 B N3    1 
HETATM 235 C  C4    . AF2 B 1 3 ? -0.783  -4.874  3.939   1.00 9.56  ? 211 AF2 B C4    1 
HETATM 236 C  C5    . AF2 B 1 3 ? 0.221   -4.257  3.220   1.00 10.02 ? 211 AF2 B C5    1 
HETATM 237 C  C6    . AF2 B 1 3 ? 0.362   -2.870  3.440   1.00 10.41 ? 211 AF2 B C6    1 
HETATM 238 N  N6    . AF2 B 1 3 ? 1.243   -2.037  2.882   1.00 12.10 ? 211 AF2 B N6    1 
HETATM 239 N  N7    . AF2 B 1 3 ? 0.883   -5.167  2.432   1.00 11.73 ? 211 AF2 B N7    1 
HETATM 240 C  C8    . AF2 B 1 3 ? 0.282   -6.312  2.676   1.00 12.17 ? 211 AF2 B C8    1 
HETATM 241 N  N9    . AF2 B 1 3 ? -0.751  -6.196  3.596   1.00 10.68 ? 211 AF2 B N9    1 
HETATM 242 C  "C1'" . AF2 B 1 3 ? -1.641  -7.238  4.104   1.00 11.83 ? 211 AF2 B "C1'" 1 
HETATM 243 O  OP2   . AF2 B 1 3 ? 1.718   -8.900  -0.203  1.00 20.87 ? 211 AF2 B OP2   1 
HETATM 244 C  "C2'" . AF2 B 1 3 ? -2.984  -7.238  3.390   1.00 12.38 ? 211 AF2 B "C2'" 1 
HETATM 245 O  OP1   . AF2 B 1 3 ? 0.380   -11.063 -0.428  1.00 31.23 ? 211 AF2 B OP1   1 
HETATM 246 C  "C3'" . AF2 B 1 3 ? -2.690  -8.212  2.265   1.00 12.07 ? 211 AF2 B "C3'" 1 
HETATM 247 O  "O3'" . AF2 B 1 3 ? -3.858  -8.737  1.693   1.00 14.79 ? 211 AF2 B "O3'" 1 
HETATM 248 C  "C4'" . AF2 B 1 3 ? -1.884  -9.284  2.985   1.00 14.27 ? 211 AF2 B "C4'" 1 
HETATM 249 O  "O4'" . AF2 B 1 3 ? -1.035  -8.488  3.851   1.00 14.61 ? 211 AF2 B "O4'" 1 
HETATM 250 C  "C5'" . AF2 B 1 3 ? -1.029  -10.190 2.149   1.00 17.50 ? 211 AF2 B "C5'" 1 
HETATM 251 O  "O5'" . AF2 B 1 3 ? -0.181  -9.360  1.336   1.00 16.79 ? 211 AF2 B "O5'" 1 
ATOM   252 P  P     . A   B 1 4 ? -4.554  -8.054  0.430   1.00 14.25 ? 212 A   B P     1 
ATOM   253 O  OP1   . A   B 1 4 ? -5.607  -8.989  -0.055  1.00 16.35 ? 212 A   B OP1   1 
ATOM   254 O  OP2   . A   B 1 4 ? -3.522  -7.514  -0.495  1.00 18.88 ? 212 A   B OP2   1 
ATOM   255 O  "O5'" . A   B 1 4 ? -5.221  -6.749  1.035   1.00 11.35 ? 212 A   B "O5'" 1 
ATOM   256 C  "C5'" . A   B 1 4 ? -6.428  -6.856  1.803   1.00 9.85  ? 212 A   B "C5'" 1 
ATOM   257 C  "C4'" . A   B 1 4 ? -6.828  -5.464  2.210   1.00 9.35  ? 212 A   B "C4'" 1 
ATOM   258 O  "O4'" . A   B 1 4 ? -5.774  -4.879  3.013   1.00 12.19 ? 212 A   B "O4'" 1 
ATOM   259 C  "C3'" . A   B 1 4 ? -7.004  -4.454  1.094   1.00 9.96  ? 212 A   B "C3'" 1 
ATOM   260 O  "O3'" . A   B 1 4 ? -8.229  -4.678  0.431   1.00 10.11 ? 212 A   B "O3'" 1 
ATOM   261 C  "C2'" . A   B 1 4 ? -6.932  -3.149  1.873   1.00 10.36 ? 212 A   B "C2'" 1 
ATOM   262 O  "O2'" . A   B 1 4 ? -8.085  -2.929  2.577   1.00 13.43 ? 212 A   B "O2'" 1 
ATOM   263 C  "C1'" . A   B 1 4 ? -5.769  -3.467  2.821   1.00 11.18 ? 212 A   B "C1'" 1 
ATOM   264 N  N9    . A   B 1 4 ? -4.487  -3.060  2.268   1.00 11.15 ? 212 A   B N9    1 
ATOM   265 C  C8    . A   B 1 4 ? -3.567  -3.809  1.598   1.00 11.20 ? 212 A   B C8    1 
ATOM   266 N  N7    . A   B 1 4 ? -2.497  -3.159  1.216   1.00 11.69 ? 212 A   B N7    1 
ATOM   267 C  C5    . A   B 1 4 ? -2.717  -1.865  1.667   1.00 10.62 ? 212 A   B C5    1 
ATOM   268 C  C6    . A   B 1 4 ? -1.932  -0.693  1.568   1.00 10.67 ? 212 A   B C6    1 
ATOM   269 N  N6    . A   B 1 4 ? -0.753  -0.623  0.976   1.00 12.84 ? 212 A   B N6    1 
ATOM   270 N  N1    . A   B 1 4 ? -2.452  0.440   2.121   1.00 12.64 ? 212 A   B N1    1 
ATOM   271 C  C2    . A   B 1 4 ? -3.640  0.336   2.711   1.00 13.13 ? 212 A   B C2    1 
ATOM   272 N  N3    . A   B 1 4 ? -4.473  -0.683  2.873   1.00 12.39 ? 212 A   B N3    1 
ATOM   273 C  C4    . A   B 1 4 ? -3.938  -1.788  2.316   1.00 10.68 ? 212 A   B C4    1 
HETATM 274 P  P     . UFT B 1 5 ? -8.359  -4.431  -1.136  1.00 10.61 ? 213 UFT B P     1 
HETATM 275 O  OP1   . UFT B 1 5 ? -9.714  -4.938  -1.473  1.00 10.83 ? 213 UFT B OP1   1 
HETATM 276 O  OP2   . UFT B 1 5 ? -7.169  -4.973  -1.834  1.00 13.76 ? 213 UFT B OP2   1 
HETATM 277 O  "O5'" . UFT B 1 5 ? -8.282  -2.857  -1.287  1.00 10.82 ? 213 UFT B "O5'" 1 
HETATM 278 N  N1    . UFT B 1 5 ? -5.584  0.089   -0.952  1.00 12.56 ? 213 UFT B N1    1 
HETATM 279 C  C6    . UFT B 1 5 ? -5.305  -1.232  -1.181  1.00 13.48 ? 213 UFT B C6    1 
HETATM 280 C  C2    . UFT B 1 5 ? -4.525  0.990   -1.078  1.00 12.56 ? 213 UFT B C2    1 
HETATM 281 O  O2    . UFT B 1 5 ? -4.763  2.150   -0.875  1.00 14.52 ? 213 UFT B O2    1 
HETATM 282 N  N3    . UFT B 1 5 ? -3.298  0.480   -1.416  1.00 12.29 ? 213 UFT B N3    1 
HETATM 283 C  C4    . UFT B 1 5 ? -2.977  -0.824  -1.668  1.00 14.17 ? 213 UFT B C4    1 
HETATM 284 O  O4    . UFT B 1 5 ? -1.819  -1.143  -1.972  1.00 15.65 ? 213 UFT B O4    1 
HETATM 285 C  C5    . UFT B 1 5 ? -4.110  -1.704  -1.516  1.00 13.97 ? 213 UFT B C5    1 
HETATM 286 F  "F2'" . UFT B 1 5 ? -8.571  2.113   -1.229  1.00 12.35 ? 213 UFT B "F2'" 1 
HETATM 287 C  "C2'" . UFT B 1 5 ? -7.695  1.177   -1.764  1.00 11.49 ? 213 UFT B "C2'" 1 
HETATM 288 C  "C5'" . UFT B 1 5 ? -9.337  -2.040  -0.750  1.00 10.44 ? 213 UFT B "C5'" 1 
HETATM 289 C  "C4'" . UFT B 1 5 ? -8.914  -0.600  -0.784  1.00 11.08 ? 213 UFT B "C4'" 1 
HETATM 290 O  "O4'" . UFT B 1 5 ? -7.717  -0.413  -0.006  1.00 13.40 ? 213 UFT B "O4'" 1 
HETATM 291 C  "C1'" . UFT B 1 5 ? -6.903  0.623   -0.577  1.00 11.89 ? 213 UFT B "C1'" 1 
HETATM 292 C  "C3'" . UFT B 1 5 ? -8.509  -0.045  -2.149  1.00 10.05 ? 213 UFT B "C3'" 1 
HETATM 293 O  "O3'" . UFT B 1 5 ? -9.660  0.214   -2.928  1.00 9.64  ? 213 UFT B "O3'" 1 
ATOM   294 P  P     . U   B 1 6 ? -9.565  0.339   -4.536  1.00 9.47  ? 214 U   B P     1 
ATOM   295 O  OP1   . U   B 1 6 ? -10.943 0.446   -5.033  1.00 11.44 ? 214 U   B OP1   1 
ATOM   296 O  OP2   . U   B 1 6 ? -8.657  -0.729  -5.033  1.00 11.10 ? 214 U   B OP2   1 
ATOM   297 O  "O5'" . U   B 1 6 ? -8.796  1.705   -4.759  1.00 8.25  ? 214 U   B "O5'" 1 
ATOM   298 C  "C5'" . U   B 1 6 ? -9.464  2.948   -4.506  1.00 8.68  ? 214 U   B "C5'" 1 
ATOM   299 C  "C4'" . U   B 1 6 ? -8.448  4.066   -4.641  1.00 7.30  ? 214 U   B "C4'" 1 
ATOM   300 O  "O4'" . U   B 1 6 ? -7.333  3.850   -3.729  1.00 7.73  ? 214 U   B "O4'" 1 
ATOM   301 C  "C3'" . U   B 1 6 ? -7.751  4.223   -5.978  1.00 7.35  ? 214 U   B "C3'" 1 
ATOM   302 O  "O3'" . U   B 1 6 ? -8.597  4.847   -6.916  1.00 8.13  ? 214 U   B "O3'" 1 
ATOM   303 C  "C2'" . U   B 1 6 ? -6.534  5.066   -5.607  1.00 7.13  ? 214 U   B "C2'" 1 
ATOM   304 O  "O2'" . U   B 1 6 ? -7.008  6.388   -5.248  1.00 7.81  ? 214 U   B "O2'" 1 
ATOM   305 C  "C1'" . U   B 1 6 ? -6.134  4.380   -4.307  1.00 7.36  ? 214 U   B "C1'" 1 
ATOM   306 N  N1    . U   B 1 6 ? -5.192  3.270   -4.457  1.00 7.65  ? 214 U   B N1    1 
ATOM   307 C  C2    . U   B 1 6 ? -3.844  3.590   -4.646  1.00 7.43  ? 214 U   B C2    1 
ATOM   308 O  O2    . U   B 1 6 ? -3.459  4.739   -4.694  1.00 8.35  ? 214 U   B O2    1 
ATOM   309 N  N3    . U   B 1 6 ? -3.001  2.515   -4.768  1.00 7.92  ? 214 U   B N3    1 
ATOM   310 C  C4    . U   B 1 6 ? -3.322  1.173   -4.727  1.00 8.69  ? 214 U   B C4    1 
ATOM   311 O  O4    . U   B 1 6 ? -2.444  0.330   -4.856  1.00 10.81 ? 214 U   B O4    1 
ATOM   312 C  C5    . U   B 1 6 ? -4.711  0.944   -4.529  1.00 8.10  ? 214 U   B C5    1 
ATOM   313 C  C6    . U   B 1 6 ? -5.581  1.941   -4.404  1.00 8.91  ? 214 U   B C6    1 
HETATM 314 P  P     . CFZ B 1 7 ? -8.441  4.537   -8.475  1.00 10.92 ? 215 CFZ B P     1 
HETATM 315 N  N1    . CFZ B 1 7 ? -3.287  4.709   -8.260  1.00 8.71  ? 215 CFZ B N1    1 
HETATM 316 C  C2    . CFZ B 1 7 ? -1.952  4.241   -8.267  1.00 8.18  ? 215 CFZ B C2    1 
HETATM 317 O  O2    . CFZ B 1 7 ? -1.063  5.087   -8.359  1.00 7.92  ? 215 CFZ B O2    1 
HETATM 318 N  N3    . CFZ B 1 7 ? -1.756  2.929   -8.184  1.00 8.30  ? 215 CFZ B N3    1 
HETATM 319 C  C4    . CFZ B 1 7 ? -2.767  2.065   -8.088  1.00 8.42  ? 215 CFZ B C4    1 
HETATM 320 N  N4    . CFZ B 1 7 ? -2.477  0.765   -8.004  1.00 10.02 ? 215 CFZ B N4    1 
HETATM 321 C  C5    . CFZ B 1 7 ? -4.123  2.495   -8.083  1.00 9.61  ? 215 CFZ B C5    1 
HETATM 322 C  C6    . CFZ B 1 7 ? -4.328  3.838   -8.170  1.00 9.25  ? 215 CFZ B C6    1 
HETATM 323 C  "C1'" . CFZ B 1 7 ? -3.464  6.152   -8.359  1.00 9.15  ? 215 CFZ B "C1'" 1 
HETATM 324 O  O1P   . CFZ B 1 7 ? -9.615  5.156   -9.137  1.00 19.34 ? 215 CFZ B O1P   1 
HETATM 325 C  "C2'" . CFZ B 1 7 ? -3.341  6.629   -9.796  1.00 8.42  ? 215 CFZ B "C2'" 1 
HETATM 326 F  "F2'" . CFZ B 1 7 ? -2.999  7.974   -9.707  1.00 11.01 ? 215 CFZ B "F2'" 1 
HETATM 327 O  O2P   . CFZ B 1 7 ? -8.214  3.082   -8.714  1.00 15.82 ? 215 CFZ B O2P   1 
HETATM 328 C  "C3'" . CFZ B 1 7 ? -4.800  6.558   -10.229 1.00 10.32 ? 215 CFZ B "C3'" 1 
HETATM 329 O  "O3'" . CFZ B 1 7 ? -5.110  7.355   -11.348 1.00 15.41 ? 215 CFZ B "O3'" 1 
HETATM 330 C  "C4'" . CFZ B 1 7 ? -5.528  7.079   -8.998  1.00 10.66 ? 215 CFZ B "C4'" 1 
HETATM 331 O  "O4'" . CFZ B 1 7 ? -4.772  6.497   -7.904  1.00 9.37  ? 215 CFZ B "O4'" 1 
HETATM 332 C  "C5'" . CFZ B 1 7 ? -6.991  6.723   -8.876  1.00 11.31 ? 215 CFZ B "C5'" 1 
HETATM 333 O  "O5'" . CFZ B 1 7 ? -7.111  5.277   -8.940  1.00 9.86  ? 215 CFZ B "O5'" 1 
ATOM   334 P  P     . G   B 1 8 ? -4.983  6.741   -12.818 1.00 17.48 ? 216 G   B P     1 
ATOM   335 O  OP1   . G   B 1 8 ? -5.374  7.808   -13.781 1.00 24.58 ? 216 G   B OP1   1 
ATOM   336 O  OP2   . G   B 1 8 ? -5.695  5.441   -12.862 1.00 23.13 ? 216 G   B OP2   1 
ATOM   337 O  "O5'" . G   B 1 8 ? -3.439  6.434   -13.006 1.00 10.83 ? 216 G   B "O5'" 1 
ATOM   338 C  "C5'" . G   B 1 8 ? -2.498  7.528   -13.051 1.00 9.13  ? 216 G   B "C5'" 1 
ATOM   339 C  "C4'" . G   B 1 8 ? -1.122  6.916   -13.214 1.00 8.26  ? 216 G   B "C4'" 1 
ATOM   340 O  "O4'" . G   B 1 8 ? -0.797  6.114   -12.054 1.00 8.86  ? 216 G   B "O4'" 1 
ATOM   341 C  "C3'" . G   B 1 8 ? -0.943  5.946   -14.369 1.00 9.89  ? 216 G   B "C3'" 1 
ATOM   342 O  "O3'" . G   B 1 8 ? -0.783  6.624   -15.606 1.00 10.85 ? 216 G   B "O3'" 1 
ATOM   343 C  "C2'" . G   B 1 8 ? 0.298   5.185   -13.945 1.00 9.45  ? 216 G   B "C2'" 1 
ATOM   344 O  "O2'" . G   B 1 8 ? 1.499   5.983   -14.185 1.00 11.31 ? 216 G   B "O2'" 1 
ATOM   345 C  "C1'" . G   B 1 8 ? 0.093   5.065   -12.442 1.00 8.84  ? 216 G   B "C1'" 1 
ATOM   346 N  N9    . G   B 1 8 ? -0.505  3.799   -12.024 1.00 9.07  ? 216 G   B N9    1 
ATOM   347 C  C8    . G   B 1 8 ? -1.834  3.513   -11.805 1.00 9.10  ? 216 G   B C8    1 
ATOM   348 N  N7    . G   B 1 8 ? -2.028  2.263   -11.434 1.00 11.65 ? 216 G   B N7    1 
ATOM   349 C  C5    . G   B 1 8 ? -0.745  1.701   -11.413 1.00 9.80  ? 216 G   B C5    1 
ATOM   350 C  C6    . G   B 1 8 ? -0.294  0.395   -11.093 1.00 9.44  ? 216 G   B C6    1 
ATOM   351 O  O6    . G   B 1 8 ? -0.961  -0.591  -10.747 1.00 10.54 ? 216 G   B O6    1 
ATOM   352 N  N1    . G   B 1 8 ? 1.084   0.242   -11.196 1.00 10.64 ? 216 G   B N1    1 
ATOM   353 C  C2    . G   B 1 8 ? 1.936   1.250   -11.570 1.00 9.99  ? 216 G   B C2    1 
ATOM   354 N  N2    . G   B 1 8 ? 3.244   0.924   -11.616 1.00 12.95 ? 216 G   B N2    1 
ATOM   355 N  N3    . G   B 1 8 ? 1.543   2.480   -11.871 1.00 9.05  ? 216 G   B N3    1 
ATOM   356 C  C4    . G   B 1 8 ? 0.199   2.653   -11.778 1.00 9.04  ? 216 G   B C4    1 
HETATM 357 SR SR    . SR  C 2 . ? 7.656   -5.858  -1.474  1.00 19.51 ? 301 SR  B SR    1 
HETATM 358 SR SR    . SR  D 2 . ? -0.322  -3.179  -2.843  1.00 27.10 ? 302 SR  B SR    1 
HETATM 359 SR SR    . SR  E 2 . ? -9.213  2.709   3.375   0.33 77.09 ? 303 SR  B SR    1 
HETATM 360 O  O     . HOH F 3 . ? 5.006   4.685   -9.413  1.00 16.28 ? 305 HOH A O     1 
HETATM 361 O  O     . HOH F 3 . ? 3.431   -3.171  -6.303  1.00 23.85 ? 306 HOH A O     1 
HETATM 362 O  O     . HOH F 3 . ? 6.524   -0.953  -12.405 1.00 18.44 ? 309 HOH A O     1 
HETATM 363 O  O     . HOH F 3 . ? 0.537   -4.392  -4.800  1.00 23.42 ? 310 HOH A O     1 
HETATM 364 O  O     . HOH F 3 . ? 5.326   2.747   -1.834  1.00 22.56 ? 311 HOH A O     1 
HETATM 365 O  O     . HOH F 3 . ? 3.408   1.257   0.926   1.00 33.41 ? 312 HOH A O     1 
HETATM 366 O  O     . HOH F 3 . ? 4.056   5.106   1.114   1.00 23.53 ? 314 HOH A O     1 
HETATM 367 O  O     . HOH F 3 . ? 8.243   4.800   0.584   1.00 6.32  ? 315 HOH A O     1 
HETATM 368 O  O     . HOH F 3 . ? 9.186   4.571   -1.585  1.00 29.57 ? 316 HOH A O     1 
HETATM 369 O  O     . HOH F 3 . ? 2.529   5.572   4.424   1.00 20.90 ? 317 HOH A O     1 
HETATM 370 O  O     . HOH F 3 . ? 4.352   1.076   3.575   1.00 9.97  ? 318 HOH A O     1 
HETATM 371 O  O     . HOH F 3 . ? 3.645   0.631   10.096  1.00 25.83 ? 320 HOH A O     1 
HETATM 372 O  O     . HOH F 3 . ? -6.042  2.779   10.631  0.33 16.40 ? 322 HOH A O     1 
HETATM 373 O  O     . HOH F 3 . ? -2.435  7.174   -1.438  1.00 21.25 ? 325 HOH A O     1 
HETATM 374 O  O     . HOH F 3 . ? 10.738  2.908   -1.712  1.00 14.83 ? 326 HOH A O     1 
HETATM 375 O  O     . HOH F 3 . ? 4.627   -2.769  -3.515  1.00 27.12 ? 327 HOH A O     1 
HETATM 376 O  O     . HOH F 3 . ? 1.131   -7.139  17.238  1.00 22.30 ? 330 HOH A O     1 
HETATM 377 O  O     . HOH F 3 . ? -4.223  -1.826  6.883   1.00 19.64 ? 333 HOH A O     1 
HETATM 378 O  O     . HOH F 3 . ? 1.571   -1.930  -3.732  1.00 21.56 ? 334 HOH A O     1 
HETATM 379 O  O     . HOH F 3 . ? 0.293   -2.175  -6.167  1.00 23.84 ? 337 HOH A O     1 
HETATM 380 O  O     . HOH F 3 . ? -6.421  2.086   6.592   1.00 20.72 ? 338 HOH A O     1 
HETATM 381 O  O     . HOH F 3 . ? 3.380   0.042   -1.037  1.00 22.38 ? 340 HOH A O     1 
HETATM 382 O  O     . HOH F 3 . ? 6.110   0.811   -14.239 0.33 28.58 ? 343 HOH A O     1 
HETATM 383 O  O     . HOH F 3 . ? 2.186   3.967   8.015   1.00 32.12 ? 346 HOH A O     1 
HETATM 384 O  O     . HOH F 3 . ? 0.382   11.744  -0.113  1.00 23.79 ? 348 HOH A O     1 
HETATM 385 O  O     . HOH F 3 . ? -0.963  10.398  8.450   1.00 24.32 ? 349 HOH A O     1 
HETATM 386 O  O     . HOH F 3 . ? 1.331   12.797  1.968   1.00 34.62 ? 354 HOH A O     1 
HETATM 387 O  O     . HOH F 3 . ? 0.345   -4.797  -2.431  0.66 17.53 ? 355 HOH A O     1 
HETATM 388 O  O     . HOH F 3 . ? 5.880   -0.855  -3.655  1.00 25.83 ? 356 HOH A O     1 
HETATM 389 O  O     . HOH F 3 . ? -2.317  3.738   14.802  1.00 29.21 ? 360 HOH A O     1 
HETATM 390 O  O     . HOH F 3 . ? 3.410   1.840   6.771   1.00 27.29 ? 362 HOH A O     1 
HETATM 391 O  O     . HOH F 3 . ? 5.352   4.152   7.383   0.50 48.37 ? 363 HOH A O     1 
HETATM 392 O  O     . HOH F 3 . ? 8.950   2.509   -14.865 0.50 22.79 ? 364 HOH A O     1 
HETATM 393 O  O     . HOH F 3 . ? 0.958   -9.878  17.425  1.00 27.29 ? 366 HOH A O     1 
HETATM 394 O  O     . HOH F 3 . ? 4.024   3.299   4.647   1.00 32.15 ? 370 HOH A O     1 
HETATM 395 O  O     . HOH F 3 . ? 1.483   -4.603  18.649  1.00 30.73 ? 371 HOH A O     1 
HETATM 396 O  O     . HOH F 3 . ? 2.304   -4.074  -3.387  1.00 41.80 ? 372 HOH A O     1 
HETATM 397 O  O     . HOH F 3 . ? 9.864   -1.131  -3.610  0.66 30.58 ? 374 HOH A O     1 
HETATM 398 O  O     . HOH F 3 . ? 3.970   -9.363  8.347   0.50 19.84 ? 379 HOH A O     1 
HETATM 399 O  O     . HOH F 3 . ? 3.032   -0.259  -3.285  1.00 49.41 ? 380 HOH A O     1 
HETATM 400 O  O     . HOH F 3 . ? 6.120   4.219   0.769   1.00 17.30 ? 381 HOH A O     1 
HETATM 401 O  O     . HOH F 3 . ? 7.662   7.954   7.718   1.00 28.69 ? 382 HOH A O     1 
HETATM 402 O  O     . HOH F 3 . ? -4.374  2.816   14.447  0.33 34.03 ? 387 HOH A O     1 
HETATM 403 O  O     . HOH F 3 . ? 1.817   7.234   10.698  0.50 25.26 ? 391 HOH A O     1 
HETATM 404 O  O     . HOH F 3 . ? 3.609   10.078  5.984   1.00 50.65 ? 395 HOH A O     1 
HETATM 405 O  O     . HOH G 3 . ? 3.186   3.750   -13.762 1.00 17.76 ? 304 HOH B O     1 
HETATM 406 O  O     . HOH G 3 . ? -4.685  1.416   -11.715 1.00 20.48 ? 307 HOH B O     1 
HETATM 407 O  O     . HOH G 3 . ? -2.162  -2.272  -4.920  0.50 15.14 ? 308 HOH B O     1 
HETATM 408 O  O     . HOH G 3 . ? -2.730  8.339   -16.448 1.00 15.24 ? 313 HOH B O     1 
HETATM 409 O  O     . HOH G 3 . ? -6.468  -11.255 -0.572  0.70 14.79 ? 319 HOH B O     1 
HETATM 410 O  O     . HOH G 3 . ? -3.914  -4.601  6.058   1.00 27.45 ? 321 HOH B O     1 
HETATM 411 O  O     . HOH G 3 . ? 4.440   -6.567  -0.473  1.00 38.67 ? 323 HOH B O     1 
HETATM 412 O  O     . HOH G 3 . ? -9.994  -3.158  -5.368  1.00 14.06 ? 324 HOH B O     1 
HETATM 413 O  O     . HOH G 3 . ? -12.989 2.626   -5.263  0.33 14.61 ? 328 HOH B O     1 
HETATM 414 O  O     . HOH G 3 . ? -10.713 -3.538  1.966   1.00 21.99 ? 329 HOH B O     1 
HETATM 415 O  O     . HOH G 3 . ? -4.784  -1.083  -7.850  1.00 16.90 ? 331 HOH B O     1 
HETATM 416 O  O     . HOH G 3 . ? -11.888 -0.643  -7.347  1.00 20.54 ? 332 HOH B O     1 
HETATM 417 O  O     . HOH G 3 . ? -6.576  -2.721  -4.438  1.00 28.86 ? 335 HOH B O     1 
HETATM 418 O  O     . HOH G 3 . ? -0.657  -3.899  -0.547  1.00 26.17 ? 336 HOH B O     1 
HETATM 419 O  O     . HOH G 3 . ? -7.237  1.693   -10.645 1.00 28.66 ? 339 HOH B O     1 
HETATM 420 O  O     . HOH G 3 . ? 2.387   -5.001  0.444   1.00 38.47 ? 341 HOH B O     1 
HETATM 421 O  O     . HOH G 3 . ? -7.529  -0.714  3.459   1.00 24.02 ? 342 HOH B O     1 
HETATM 422 O  O     . HOH G 3 . ? -3.526  -1.318  -10.397 1.00 20.40 ? 344 HOH B O     1 
HETATM 423 O  O     . HOH G 3 . ? -6.144  -0.420  5.254   1.00 16.00 ? 345 HOH B O     1 
HETATM 424 O  O     . HOH G 3 . ? -5.382  10.587  -10.551 1.00 30.18 ? 347 HOH B O     1 
HETATM 425 O  O     . HOH G 3 . ? -3.867  -4.212  -11.628 1.00 35.64 ? 350 HOH B O     1 
HETATM 426 O  O     . HOH G 3 . ? -7.328  11.178  -12.486 1.00 20.57 ? 351 HOH B O     1 
HETATM 427 O  O     . HOH G 3 . ? -2.530  -4.594  -3.682  1.00 31.26 ? 352 HOH B O     1 
HETATM 428 O  O     . HOH G 3 . ? -4.023  -5.825  -5.505  1.00 39.14 ? 353 HOH B O     1 
HETATM 429 O  O     . HOH G 3 . ? -7.299  -0.028  -7.484  1.00 32.56 ? 357 HOH B O     1 
HETATM 430 O  O     . HOH G 3 . ? -8.061  10.274  -9.629  1.00 27.90 ? 358 HOH B O     1 
HETATM 431 O  O     . HOH G 3 . ? -5.293  7.517   -16.649 1.00 27.98 ? 359 HOH B O     1 
HETATM 432 O  O     . HOH G 3 . ? 5.495   3.126   -11.642 1.00 34.52 ? 361 HOH B O     1 
HETATM 433 O  O     . HOH G 3 . ? -3.452  7.441   -4.993  1.00 21.47 ? 365 HOH B O     1 
HETATM 434 O  O     . HOH G 3 . ? -5.569  -0.604  -13.820 1.00 31.05 ? 367 HOH B O     1 
HETATM 435 O  O     . HOH G 3 . ? 4.375   2.793   -18.220 1.00 36.67 ? 368 HOH B O     1 
HETATM 436 O  O     . HOH G 3 . ? 1.178   -13.659 3.689   1.00 34.27 ? 369 HOH B O     1 
HETATM 437 O  O     . HOH G 3 . ? -4.449  -4.945  -1.821  1.00 22.75 ? 373 HOH B O     1 
HETATM 438 O  O     . HOH G 3 . ? 0.929   -2.302  -1.008  1.00 25.20 ? 375 HOH B O     1 
HETATM 439 O  O     . HOH G 3 . ? -8.205  -5.748  -6.049  1.00 50.93 ? 376 HOH B O     1 
HETATM 440 O  O     . HOH G 3 . ? -10.865 -0.157  -9.750  1.00 34.38 ? 377 HOH B O     1 
HETATM 441 O  O     . HOH G 3 . ? -10.506 1.177   4.092   0.60 16.74 ? 378 HOH B O     1 
HETATM 442 O  O     . HOH G 3 . ? -3.281  8.599   -3.027  1.00 47.40 ? 383 HOH B O     1 
HETATM 443 O  O     . HOH G 3 . ? -4.068  -3.549  -5.030  1.00 54.31 ? 384 HOH B O     1 
HETATM 444 O  O     . HOH G 3 . ? -1.483  8.013   -6.027  1.00 31.06 ? 385 HOH B O     1 
HETATM 445 O  O     . HOH G 3 . ? -10.089 -1.079  4.065   1.00 41.19 ? 386 HOH B O     1 
HETATM 446 O  O     . HOH G 3 . ? -0.879  -6.841  -0.675  1.00 28.92 ? 388 HOH B O     1 
HETATM 447 O  O     . HOH G 3 . ? -5.151  2.596   -14.311 1.00 40.54 ? 389 HOH B O     1 
HETATM 448 O  O     . HOH G 3 . ? -8.415  -0.304  5.536   1.00 59.66 ? 390 HOH B O     1 
HETATM 449 O  O     . HOH G 3 . ? -6.738  -6.870  -8.549  0.50 31.39 ? 392 HOH B O     1 
HETATM 450 O  O     . HOH G 3 . ? -10.370 11.575  -13.066 1.00 56.01 ? 393 HOH B O     1 
HETATM 451 O  O     . HOH G 3 . ? -7.529  -4.402  -7.823  1.00 39.90 ? 394 HOH B O     1 
HETATM 452 O  O     . HOH G 3 . ? 0.463   -9.826  6.343   1.00 40.24 ? 396 HOH B O     1 
# 
loop_
_atom_site_anisotrop.id 
_atom_site_anisotrop.type_symbol 
_atom_site_anisotrop.pdbx_label_atom_id 
_atom_site_anisotrop.pdbx_label_alt_id 
_atom_site_anisotrop.pdbx_label_comp_id 
_atom_site_anisotrop.pdbx_label_asym_id 
_atom_site_anisotrop.pdbx_label_seq_id 
_atom_site_anisotrop.pdbx_PDB_ins_code 
_atom_site_anisotrop.U[1][1] 
_atom_site_anisotrop.U[2][2] 
_atom_site_anisotrop.U[3][3] 
_atom_site_anisotrop.U[1][2] 
_atom_site_anisotrop.U[1][3] 
_atom_site_anisotrop.U[2][3] 
_atom_site_anisotrop.pdbx_auth_seq_id 
_atom_site_anisotrop.pdbx_auth_comp_id 
_atom_site_anisotrop.pdbx_auth_asym_id 
_atom_site_anisotrop.pdbx_auth_atom_id 
1   N N1    . CFZ A 1 ? 0.2395 0.1551 0.0897 0.0950  -0.0301 -0.0313 101 CFZ A N1    
2   C C2    . CFZ A 1 ? 0.2073 0.1525 0.1208 0.0806  -0.0020 -0.0111 101 CFZ A C2    
3   O O2    . CFZ A 1 ? 0.1907 0.1632 0.1791 0.0933  0.0312  -0.0097 101 CFZ A O2    
4   N N3    . CFZ A 1 ? 0.2168 0.0968 0.1381 0.0724  0.0311  -0.0027 101 CFZ A N3    
5   C C4    . CFZ A 1 ? 0.2204 0.0953 0.1735 0.0572  0.0015  0.0073  101 CFZ A C4    
6   N N4    . CFZ A 1 ? 0.2041 0.1230 0.1341 0.0446  -0.0005 -0.0176 101 CFZ A N4    
7   C C5    . CFZ A 1 ? 0.2834 0.1159 0.1663 0.0871  0.0080  0.0237  101 CFZ A C5    
8   C C6    . CFZ A 1 ? 0.2808 0.1620 0.1335 0.1130  -0.0055 0.0090  101 CFZ A C6    
9   C "C1'" . CFZ A 1 ? 0.2533 0.1742 0.1641 0.1264  -0.0077 -0.0360 101 CFZ A "C1'" 
10  C "C2'" . CFZ A 1 ? 0.2011 0.1709 0.1913 0.0831  0.0155  -0.0137 101 CFZ A "C2'" 
11  F "F2'" . CFZ A 1 ? 0.3085 0.2654 0.1715 0.1878  0.0426  0.0491  101 CFZ A "F2'" 
12  C "C3'" . CFZ A 1 ? 0.2556 0.1926 0.1401 0.1075  0.0180  -0.0386 101 CFZ A "C3'" 
13  O "O3'" . CFZ A 1 ? 0.2671 0.2655 0.1621 0.1224  -0.0048 -0.0477 101 CFZ A "O3'" 
14  C "C4'" . CFZ A 1 ? 0.3231 0.1982 0.1790 0.1771  -0.0283 -0.0503 101 CFZ A "C4'" 
15  O "O4'" . CFZ A 1 ? 0.3216 0.1720 0.2094 0.1423  -0.0475 -0.0657 101 CFZ A "O4'" 
16  C "C5'" . CFZ A 1 ? 0.4072 0.1981 0.2586 0.2065  -0.0206 -0.0228 101 CFZ A "C5'" 
17  O "O5'" . CFZ A 1 ? 0.4141 0.1271 0.4070 0.1374  -0.0128 -0.0038 101 CFZ A "O5'" 
18  P P     . G   A 2 ? 0.1871 0.2016 0.1774 0.1059  -0.0060 -0.0389 102 G   A P     
19  O OP1   . G   A 2 ? 0.2002 0.2755 0.2022 0.1360  -0.0359 -0.0325 102 G   A OP1   
20  O OP2   . G   A 2 ? 0.2076 0.2413 0.1545 0.0799  -0.0138 -0.0031 102 G   A OP2   
21  O "O5'" . G   A 2 ? 0.1378 0.2326 0.1996 0.1155  0.0252  0.0031  102 G   A "O5'" 
22  C "C5'" . G   A 2 ? 0.1311 0.2346 0.2042 0.1115  0.0345  -0.0306 102 G   A "C5'" 
23  C "C4'" . G   A 2 ? 0.1384 0.1986 0.2277 0.0532  0.0150  -0.0400 102 G   A "C4'" 
24  O "O4'" . G   A 2 ? 0.1559 0.2418 0.1423 0.0984  0.0431  -0.0110 102 G   A "O4'" 
25  C "C3'" . G   A 2 ? 0.1462 0.1486 0.2144 0.0543  -0.0090 -0.0333 102 G   A "C3'" 
26  O "O3'" . G   A 2 ? 0.1255 0.1969 0.2057 0.0258  0.0169  -0.0221 102 G   A "O3'" 
27  C "C2'" . G   A 2 ? 0.1794 0.1741 0.1278 0.0476  0.0371  0.0182  102 G   A "C2'" 
28  O "O2'" . G   A 2 ? 0.2075 0.2445 0.1626 -0.0032 0.0649  0.0093  102 G   A "O2'" 
29  C "C1'" . G   A 2 ? 0.1533 0.1799 0.1464 0.0654  0.0396  0.0028  102 G   A "C1'" 
30  N N9    . G   A 2 ? 0.1530 0.1508 0.1235 0.0724  0.0550  -0.0043 102 G   A N9    
31  C C8    . G   A 2 ? 0.1535 0.1376 0.1189 0.0670  -0.0207 -0.0154 102 G   A C8    
32  N N7    . G   A 2 ? 0.1623 0.1051 0.1513 0.0600  -0.0105 -0.0130 102 G   A N7    
33  C C5    . G   A 2 ? 0.1503 0.0930 0.1079 0.0520  0.0055  -0.0303 102 G   A C5    
34  C C6    . G   A 2 ? 0.1559 0.1293 0.0755 0.0646  0.0307  0.0334  102 G   A C6    
35  O O6    . G   A 2 ? 0.1589 0.1104 0.1184 0.0543  0.0120  0.0293  102 G   A O6    
36  N N1    . G   A 2 ? 0.1519 0.1061 0.0706 0.0451  0.0165  0.0081  102 G   A N1    
37  C C2    . G   A 2 ? 0.1390 0.1089 0.0792 0.0478  0.0233  -0.0092 102 G   A C2    
38  N N2    . G   A 2 ? 0.1409 0.1114 0.1024 0.0468  0.0245  0.0072  102 G   A N2    
39  N N3    . G   A 2 ? 0.1453 0.1179 0.1000 0.0494  0.0325  0.0039  102 G   A N3    
40  C C4    . G   A 2 ? 0.1569 0.1193 0.1340 0.0609  0.0288  0.0028  102 G   A C4    
41  F F     . AF2 A 3 ? 0.1387 0.1541 0.1608 0.0052  0.0537  0.0148  103 AF2 A F     
42  P P     . AF2 A 3 ? 0.1272 0.1792 0.1833 0.0210  -0.0081 0.0088  103 AF2 A P     
43  N N1    . AF2 A 3 ? 0.1105 0.1486 0.0728 0.0136  0.0005  0.0129  103 AF2 A N1    
44  C C2    . AF2 A 3 ? 0.0969 0.1661 0.1189 0.0139  0.0126  0.0429  103 AF2 A C2    
45  N N3    . AF2 A 3 ? 0.0976 0.1638 0.0791 0.0105  0.0028  0.0240  103 AF2 A N3    
46  C C4    . AF2 A 3 ? 0.0908 0.1492 0.0821 0.0002  -0.0264 -0.0069 103 AF2 A C4    
47  C C5    . AF2 A 3 ? 0.1095 0.1476 0.0789 0.0175  0.0225  -0.0130 103 AF2 A C5    
48  C C6    . AF2 A 3 ? 0.1082 0.1449 0.0689 0.0131  0.0218  -0.0010 103 AF2 A C6    
49  N N6    . AF2 A 3 ? 0.1156 0.1251 0.1335 0.0196  -0.0005 -0.0247 103 AF2 A N6    
50  N N7    . AF2 A 3 ? 0.1092 0.1621 0.1151 0.0284  0.0375  0.0136  103 AF2 A N7    
51  C C8    . AF2 A 3 ? 0.1079 0.1685 0.1241 0.0268  0.0154  0.0334  103 AF2 A C8    
52  N N9    . AF2 A 3 ? 0.0902 0.1484 0.0965 0.0110  -0.0142 -0.0110 103 AF2 A N9    
53  C "C1'" . AF2 A 3 ? 0.1026 0.1575 0.1431 0.0061  0.0354  -0.0065 103 AF2 A "C1'" 
54  O OP2   . AF2 A 3 ? 0.2735 0.1942 0.1773 -0.0357 -0.0262 0.0342  103 AF2 A OP2   
55  C "C2'" . AF2 A 3 ? 0.0847 0.1492 0.1554 -0.0381 0.0352  -0.0106 103 AF2 A "C2'" 
56  O OP1   . AF2 A 3 ? 0.1286 0.2694 0.2209 0.0387  -0.0431 0.0172  103 AF2 A OP1   
57  C "C3'" . AF2 A 3 ? 0.1103 0.1505 0.1528 -0.0008 0.0303  -0.0205 103 AF2 A "C3'" 
58  O "O3'" . AF2 A 3 ? 0.0908 0.1866 0.1765 -0.0340 0.0198  -0.0232 103 AF2 A "O3'" 
59  C "C4'" . AF2 A 3 ? 0.1017 0.1838 0.1251 0.0082  0.0271  0.0234  103 AF2 A "C4'" 
60  O "O4'" . AF2 A 3 ? 0.1051 0.2181 0.1297 0.0129  0.0338  0.0029  103 AF2 A "O4'" 
61  C "C5'" . AF2 A 3 ? 0.0947 0.1679 0.1842 0.0030  0.0409  0.0085  103 AF2 A "C5'" 
62  O "O5'" . AF2 A 3 ? 0.0874 0.1698 0.1481 0.0019  0.0245  0.0053  103 AF2 A "O5'" 
63  P P     . A   A 4 ? 0.0969 0.1591 0.1638 -0.0116 -0.0005 -0.0152 104 A   A P     
64  O OP1   . A   A 4 ? 0.1071 0.2056 0.1985 -0.0488 -0.0050 -0.0229 104 A   A OP1   
65  O OP2   . A   A 4 ? 0.1403 0.1687 0.2063 0.0120  -0.0492 -0.0080 104 A   A OP2   
66  O "O5'" . A   A 4 ? 0.1016 0.1027 0.1563 -0.0222 0.0082  -0.0216 104 A   A "O5'" 
67  C "C5'" . A   A 4 ? 0.1071 0.1146 0.1340 -0.0285 -0.0044 0.0274  104 A   A "C5'" 
68  C "C4'" . A   A 4 ? 0.1025 0.1269 0.1338 -0.0133 0.0142  -0.0116 104 A   A "C4'" 
69  O "O4'" . A   A 4 ? 0.0969 0.1590 0.1125 -0.0319 0.0197  -0.0010 104 A   A "O4'" 
70  C "C3'" . A   A 4 ? 0.1098 0.1556 0.1217 -0.0122 0.0078  -0.0101 104 A   A "C3'" 
71  O "O3'" . A   A 4 ? 0.1639 0.1606 0.1365 0.0090  -0.0021 -0.0266 104 A   A "O3'" 
72  C "C2'" . A   A 4 ? 0.0964 0.1791 0.1206 -0.0003 0.0216  0.0003  104 A   A "C2'" 
73  O "O2'" . A   A 4 ? 0.1424 0.2773 0.1677 0.0895  0.0533  0.0162  104 A   A "O2'" 
74  C "C1'" . A   A 4 ? 0.0903 0.1660 0.1108 -0.0282 0.0154  0.0049  104 A   A "C1'" 
75  N N9    . A   A 4 ? 0.1215 0.1569 0.0856 -0.0427 -0.0128 -0.0046 104 A   A N9    
76  C C8    . A   A 4 ? 0.1373 0.1437 0.0775 -0.0290 -0.0034 -0.0238 104 A   A C8    
77  N N7    . A   A 4 ? 0.1620 0.1432 0.0979 -0.0322 0.0243  -0.0179 104 A   A N7    
78  C C5    . A   A 4 ? 0.1730 0.1565 0.1218 -0.0483 -0.0080 -0.0121 104 A   A C5    
79  C C6    . A   A 4 ? 0.1956 0.1706 0.1105 -0.0617 0.0543  -0.0247 104 A   A C6    
80  N N6    . A   A 4 ? 0.2373 0.1599 0.1088 -0.0849 -0.0053 -0.0079 104 A   A N6    
81  N N1    . A   A 4 ? 0.1954 0.2135 0.1325 -0.0863 -0.0001 -0.0358 104 A   A N1    
82  C C2    . A   A 4 ? 0.1619 0.2148 0.1240 -0.0775 -0.0280 -0.0610 104 A   A C2    
83  N N3    . A   A 4 ? 0.1320 0.2133 0.1020 -0.0608 0.0071  -0.0317 104 A   A N3    
84  C C4    . A   A 4 ? 0.1403 0.1629 0.0557 -0.0495 0.0056  -0.0324 104 A   A C4    
85  P P     . UFT A 5 ? 0.1742 0.1995 0.1390 0.0062  -0.0174 -0.0366 105 UFT A P     
86  O OP1   . UFT A 5 ? 0.1950 0.2700 0.1672 -0.0598 0.0146  -0.0931 105 UFT A OP1   
87  O OP2   . UFT A 5 ? 0.1963 0.3648 0.1280 0.1077  -0.0731 -0.0800 105 UFT A OP2   
88  O "O5'" . UFT A 5 ? 0.1992 0.1327 0.1370 0.0221  0.0082  -0.0253 105 UFT A "O5'" 
89  N N1    . UFT A 5 ? 0.2297 0.0892 0.1151 -0.0103 -0.0539 0.0088  105 UFT A N1    
90  C C6    . UFT A 5 ? 0.2400 0.1070 0.1025 -0.0116 -0.0359 -0.0270 105 UFT A C6    
91  C C2    . UFT A 5 ? 0.2374 0.1002 0.2435 -0.0206 -0.0850 0.0013  105 UFT A C2    
92  O O2    . UFT A 5 ? 0.2384 0.1025 0.2200 -0.0309 -0.0897 0.0083  105 UFT A O2    
93  N N3    . UFT A 5 ? 0.2630 0.0958 0.1464 -0.0397 -0.0792 -0.0233 105 UFT A N3    
94  C C4    . UFT A 5 ? 0.2880 0.1022 0.1234 -0.0318 -0.0401 -0.0270 105 UFT A C4    
95  O O4    . UFT A 5 ? 0.2864 0.0848 0.1500 -0.0328 -0.0596 -0.0202 105 UFT A O4    
96  C C5    . UFT A 5 ? 0.2772 0.0971 0.0928 -0.0272 0.0107  -0.0322 105 UFT A C5    
97  F "F2'" . UFT A 5 ? 0.2037 0.1398 0.1789 0.0026  -0.0231 0.0444  105 UFT A "F2'" 
98  C "C2'" . UFT A 5 ? 0.1828 0.1420 0.1217 -0.0346 -0.0237 0.0113  105 UFT A "C2'" 
99  C "C5'" . UFT A 5 ? 0.1670 0.0959 0.1457 -0.0028 -0.0198 -0.0099 105 UFT A "C5'" 
100 C "C4'" . UFT A 5 ? 0.1876 0.0859 0.1496 0.0004  -0.0082 -0.0070 105 UFT A "C4'" 
101 O "O4'" . UFT A 5 ? 0.1743 0.0935 0.1324 -0.0150 -0.0167 0.0066  105 UFT A "O4'" 
102 C "C1'" . UFT A 5 ? 0.2031 0.0927 0.1192 -0.0132 -0.0507 0.0280  105 UFT A "C1'" 
103 C "C3'" . UFT A 5 ? 0.1814 0.0892 0.1314 -0.0063 -0.0242 -0.0138 105 UFT A "C3'" 
104 O "O3'" . UFT A 5 ? 0.1843 0.1085 0.1452 0.0103  -0.0098 -0.0364 105 UFT A "O3'" 
105 P P     . U   A 6 ? 0.2154 0.1617 0.1193 0.0311  -0.0147 -0.0334 106 U   A P     
106 O OP1   . U   A 6 ? 0.2333 0.1759 0.1408 0.0415  -0.0105 -0.0515 106 U   A OP1   
107 O OP2   . U   A 6 ? 0.2149 0.2247 0.1237 0.0599  -0.0100 -0.0329 106 U   A OP2   
108 O "O5'" . U   A 6 ? 0.2395 0.1494 0.1204 0.0397  0.0077  -0.0274 106 U   A "O5'" 
109 C "C5'" . U   A 6 ? 0.2915 0.1474 0.1187 0.0420  0.0774  -0.0260 106 U   A "C5'" 
110 C "C4'" . U   A 6 ? 0.2321 0.1563 0.1287 0.0467  0.0092  -0.0072 106 U   A "C4'" 
111 O "O4'" . U   A 6 ? 0.2369 0.1345 0.1260 0.0303  0.0091  0.0122  106 U   A "O4'" 
112 C "C3'" . U   A 6 ? 0.2070 0.1596 0.1362 0.0193  -0.0132 0.0006  106 U   A "C3'" 
113 O "O3'" . U   A 6 ? 0.2100 0.2037 0.1339 0.0430  -0.0274 -0.0069 106 U   A "O3'" 
114 C "C2'" . U   A 6 ? 0.2287 0.1626 0.1135 -0.0114 0.0000  0.0230  106 U   A "C2'" 
115 O "O2'" . U   A 6 ? 0.2105 0.2389 0.1209 -0.0112 -0.0363 0.0616  106 U   A "O2'" 
116 C "C1'" . U   A 6 ? 0.2601 0.1336 0.1133 0.0385  0.0093  0.0126  106 U   A "C1'" 
117 N N1    . U   A 6 ? 0.2482 0.1105 0.1012 0.0148  0.0022  0.0116  106 U   A N1    
118 C C2    . U   A 6 ? 0.2018 0.1177 0.0912 0.0245  -0.0342 0.0074  106 U   A C2    
119 O O2    . U   A 6 ? 0.1955 0.1236 0.1125 0.0173  -0.0260 -0.0289 106 U   A O2    
120 N N3    . U   A 6 ? 0.1958 0.1281 0.1080 0.0274  -0.0316 0.0073  106 U   A N3    
121 C C4    . U   A 6 ? 0.2271 0.1357 0.1523 0.0179  0.0011  0.0192  106 U   A C4    
122 O O4    . U   A 6 ? 0.2346 0.1184 0.1307 0.0133  0.0093  0.0383  106 U   A O4    
123 C C5    . U   A 6 ? 0.1935 0.1460 0.1641 0.0132  -0.0529 -0.0129 106 U   A C5    
124 C C6    . U   A 6 ? 0.2119 0.1281 0.1528 0.0150  -0.0402 0.0057  106 U   A C6    
125 P P     . CFZ A 7 ? 0.2008 0.2362 0.1441 0.0559  -0.0320 -0.0178 107 CFZ A P     
126 N N1    . CFZ A 7 ? 0.1309 0.3857 0.0997 -0.0036 -0.0140 0.0975  107 CFZ A N1    
127 C C2    . CFZ A 7 ? 0.1116 0.4511 0.1560 -0.0166 0.0039  0.0337  107 CFZ A C2    
128 O O2    . CFZ A 7 ? 0.1495 0.4345 0.1224 -0.0246 0.0275  -0.0110 107 CFZ A O2    
129 N N3    . CFZ A 7 ? 0.0837 0.4761 0.1188 0.0271  -0.0293 0.1130  107 CFZ A N3    
130 C C4    . CFZ A 7 ? 0.1286 0.4812 0.2015 0.0212  0.0038  0.1429  107 CFZ A C4    
131 N N4    . CFZ A 7 ? 0.0995 0.5029 0.1808 -0.0039 -0.0255 0.1107  107 CFZ A N4    
132 C C5    . CFZ A 7 ? 0.1310 0.4298 0.2208 0.0366  0.0214  0.2037  107 CFZ A C5    
133 C C6    . CFZ A 7 ? 0.1094 0.4012 0.1581 -0.0135 -0.0166 0.1441  107 CFZ A C6    
134 C "C1'" . CFZ A 7 ? 0.1578 0.3002 0.1096 -0.0341 0.0081  0.0331  107 CFZ A "C1'" 
135 O O1P   . CFZ A 7 ? 0.3832 0.3575 0.1252 0.0782  -0.0339 -0.0439 107 CFZ A O1P   
136 C "C2'" . CFZ A 7 ? 0.1349 0.2740 0.1070 -0.0411 0.0214  0.0369  107 CFZ A "C2'" 
137 F "F2'" . CFZ A 7 ? 0.1807 0.3021 0.1560 -0.0782 0.0060  0.0156  107 CFZ A "F2'" 
138 O O2P   . CFZ A 7 ? 0.1977 0.1933 0.2873 0.0091  -0.0357 -0.0279 107 CFZ A O2P   
139 C "C3'" . CFZ A 7 ? 0.1094 0.2798 0.1109 -0.0023 -0.0088 0.0328  107 CFZ A "C3'" 
140 O "O3'" . CFZ A 7 ? 0.1210 0.2610 0.1100 -0.0188 -0.0134 0.0328  107 CFZ A "O3'" 
141 C "C4'" . CFZ A 7 ? 0.1022 0.3136 0.1128 -0.0144 -0.0188 0.0307  107 CFZ A "C4'" 
142 O "O4'" . CFZ A 7 ? 0.1442 0.3389 0.1137 -0.0107 -0.0316 0.0193  107 CFZ A "O4'" 
143 C "C5'" . CFZ A 7 ? 0.1203 0.3219 0.1244 0.0375  0.0035  0.0283  107 CFZ A "C5'" 
144 O "O5'" . CFZ A 7 ? 0.1459 0.2407 0.1470 0.0351  0.0071  0.0377  107 CFZ A "O5'" 
145 P P     . G   A 8 ? 0.1221 0.2455 0.1180 -0.0063 -0.0122 0.0279  108 G   A P     
147 O OP1   B G   A 8 ? 0.1671 0.2835 0.1083 -0.0100 -0.0316 0.0572  108 G   A OP1   
148 O OP2   A G   A 8 ? 0.1671 0.2835 0.1083 -0.0100 -0.0316 0.0572  108 G   A OP2   
190 N N1    . CFZ B 1 ? 0.1428 0.2820 0.1643 0.0010  0.0473  0.0085  209 CFZ B N1    
191 C C2    . CFZ B 1 ? 0.1392 0.2986 0.0677 -0.0680 0.0056  -0.0564 209 CFZ B C2    
192 O O2    . CFZ B 1 ? 0.0765 0.3264 0.1360 -0.0050 0.0267  0.0055  209 CFZ B O2    
193 N N3    . CFZ B 1 ? 0.1220 0.3157 0.0941 -0.0396 0.0240  -0.0279 209 CFZ B N3    
194 C C4    . CFZ B 1 ? 0.0951 0.3079 0.0863 -0.0385 -0.0343 -0.0317 209 CFZ B C4    
195 N N4    . CFZ B 1 ? 0.1346 0.3228 0.1784 -0.0110 0.0211  -0.0074 209 CFZ B N4    
196 C C5    . CFZ B 1 ? 0.1455 0.2832 0.1213 -0.0267 0.0111  0.0251  209 CFZ B C5    
197 C C6    . CFZ B 1 ? 0.0952 0.2980 0.1539 -0.0493 0.0240  -0.0076 209 CFZ B C6    
198 C "C1'" . CFZ B 1 ? 0.1608 0.3061 0.2710 0.0144  0.0274  -0.0603 209 CFZ B "C1'" 
199 C "C2'" . CFZ B 1 ? 0.1864 0.2971 0.2921 -0.0135 0.0231  -0.0288 209 CFZ B "C2'" 
200 F "F2'" . CFZ B 1 ? 0.2057 0.2266 0.3980 0.0700  0.0605  0.1164  209 CFZ B "F2'" 
201 C "C3'" . CFZ B 1 ? 0.1948 0.1269 0.2866 -0.0149 0.0187  -0.0367 209 CFZ B "C3'" 
202 O "O3'" . CFZ B 1 ? 0.2214 0.1608 0.4009 0.0454  -0.0521 -0.1043 209 CFZ B "O3'" 
203 C "C4'" . CFZ B 1 ? 0.1838 0.2404 0.2246 -0.0086 -0.0048 -0.0260 209 CFZ B "C4'" 
204 O "O4'" . CFZ B 1 ? 0.1508 0.2996 0.2684 0.0081  0.0223  -0.0909 209 CFZ B "O4'" 
205 C "C5'" . CFZ B 1 ? 0.1811 0.3242 0.2855 0.0177  0.0540  0.0288  209 CFZ B "C5'" 
206 O "O5'" . CFZ B 1 ? 0.1822 0.2279 0.2620 -0.0001 0.0680  0.0173  209 CFZ B "O5'" 
207 P P     . G   B 2 ? 0.1824 0.1951 0.2440 -0.0086 0.0391  -0.0641 210 G   B P     
208 O OP1   . G   B 2 ? 0.3545 0.2734 0.3600 -0.0345 0.0659  -0.1817 210 G   B OP1   
209 O OP2   . G   B 2 ? 0.2878 0.2613 0.2115 -0.0109 0.0406  0.0026  210 G   B OP2   
210 O "O5'" . G   B 2 ? 0.2174 0.2178 0.2814 0.0178  0.0642  0.0146  210 G   B "O5'" 
211 C "C5'" . G   B 2 ? 0.1646 0.2117 0.4397 0.0825  0.0955  0.0726  210 G   B "C5'" 
212 C "C4'" . G   B 2 ? 0.1361 0.2980 0.3653 0.0602  0.0548  0.1053  210 G   B "C4'" 
213 O "O4'" . G   B 2 ? 0.1092 0.3957 0.2843 0.0448  0.0271  0.1445  210 G   B "O4'" 
214 C "C3'" . G   B 2 ? 0.1168 0.2593 0.2909 0.0393  0.0372  0.0225  210 G   B "C3'" 
215 O "O3'" . G   B 2 ? 0.1645 0.1930 0.2828 0.0369  0.0624  0.0292  210 G   B "O3'" 
216 C "C2'" . G   B 2 ? 0.1051 0.3249 0.2467 0.0129  0.0165  0.0359  210 G   B "C2'" 
217 O "O2'" . G   B 2 ? 0.1523 0.3103 0.2678 0.0529  0.0112  0.0516  210 G   B "O2'" 
218 C "C1'" . G   B 2 ? 0.1045 0.3710 0.2505 0.0375  -0.0172 0.0957  210 G   B "C1'" 
219 N N9    . G   B 2 ? 0.0945 0.3892 0.2472 -0.0214 -0.0124 0.0508  210 G   B N9    
220 C C8    . G   B 2 ? 0.0935 0.4233 0.1916 -0.0492 -0.0385 0.0401  210 G   B C8    
221 N N7    . G   B 2 ? 0.1095 0.4130 0.1893 -0.0293 -0.0277 0.0854  210 G   B N7    
222 C C5    . G   B 2 ? 0.0571 0.3865 0.1954 -0.0536 -0.0535 0.0582  210 G   B C5    
223 C C6    . G   B 2 ? 0.0844 0.3554 0.1334 -0.0339 -0.0598 0.1113  210 G   B C6    
224 O O6    . G   B 2 ? 0.1264 0.3675 0.1733 -0.0548 -0.0480 0.1165  210 G   B O6    
225 N N1    . G   B 2 ? 0.1208 0.3739 0.1356 -0.0311 -0.0327 0.1108  210 G   B N1    
226 C C2    . G   B 2 ? 0.1488 0.3751 0.0835 -0.0585 -0.0320 0.0787  210 G   B C2    
227 N N2    . G   B 2 ? 0.1416 0.3793 0.1180 -0.0466 -0.0177 0.0848  210 G   B N2    
228 N N3    . G   B 2 ? 0.1026 0.3885 0.2071 -0.0480 -0.0132 0.0571  210 G   B N3    
229 C C4    . G   B 2 ? 0.0693 0.3740 0.2016 -0.0648 -0.0402 0.0267  210 G   B C4    
230 F F     . AF2 B 3 ? 0.0852 0.1943 0.2552 0.0255  0.0056  0.0205  211 AF2 B F     
231 P P     . AF2 B 3 ? 0.2721 0.2224 0.2354 0.0777  -0.0093 -0.0819 211 AF2 B P     
232 N N1    . AF2 B 3 ? 0.2320 0.1288 0.0628 0.0307  -0.0439 -0.0001 211 AF2 B N1    
233 C C2    . AF2 B 3 ? 0.2098 0.1236 0.0924 0.0505  -0.0299 0.0010  211 AF2 B C2    
234 N N3    . AF2 B 3 ? 0.1715 0.1293 0.0941 0.0448  -0.0327 -0.0127 211 AF2 B N3    
235 C C4    . AF2 B 3 ? 0.1264 0.1209 0.1158 0.0392  -0.0473 -0.0083 211 AF2 B C4    
236 C C5    . AF2 B 3 ? 0.0892 0.1379 0.1539 0.0239  -0.0581 -0.0273 211 AF2 B C5    
237 C C6    . AF2 B 3 ? 0.1679 0.1327 0.0950 0.0098  -0.0571 -0.0193 211 AF2 B C6    
238 N N6    . AF2 B 3 ? 0.1588 0.1590 0.1420 0.0002  -0.0565 -0.0095 211 AF2 B N6    
239 N N7    . AF2 B 3 ? 0.1400 0.1474 0.1581 0.0186  -0.0219 -0.0278 211 AF2 B N7    
240 C C8    . AF2 B 3 ? 0.1187 0.1361 0.2076 0.0352  -0.0125 -0.0267 211 AF2 B C8    
241 N N9    . AF2 B 3 ? 0.1034 0.1288 0.1736 0.0272  -0.0337 -0.0381 211 AF2 B N9    
242 C "C1'" . AF2 B 3 ? 0.0970 0.1310 0.2215 0.0274  -0.0313 -0.0280 211 AF2 B "C1'" 
243 O OP2   . AF2 B 3 ? 0.3598 0.3067 0.1263 0.0933  0.0067  0.0037  211 AF2 B OP2   
244 C "C2'" . AF2 B 3 ? 0.0959 0.1479 0.2265 0.0347  -0.0327 -0.0345 211 AF2 B "C2'" 
245 O OP1   . AF2 B 3 ? 0.3961 0.3620 0.4285 0.0865  -0.0673 -0.2437 211 AF2 B OP1   
246 C "C3'" . AF2 B 3 ? 0.0921 0.1419 0.2246 0.0226  -0.0275 -0.0344 211 AF2 B "C3'" 
247 O "O3'" . AF2 B 3 ? 0.1188 0.1481 0.2952 0.0045  -0.0535 -0.0484 211 AF2 B "O3'" 
248 C "C4'" . AF2 B 3 ? 0.1460 0.1158 0.2806 0.0293  -0.0538 -0.0370 211 AF2 B "C4'" 
249 O "O4'" . AF2 B 3 ? 0.1245 0.1228 0.3080 0.0349  -0.0835 -0.0271 211 AF2 B "O4'" 
250 C "C5'" . AF2 B 3 ? 0.1584 0.1952 0.3114 0.0695  -0.0443 -0.0631 211 AF2 B "C5'" 
251 O "O5'" . AF2 B 3 ? 0.1359 0.2179 0.2841 0.0271  -0.0608 -0.1040 211 AF2 B "O5'" 
252 P P     . A   B 4 ? 0.1158 0.2033 0.2222 0.0034  -0.0253 -0.0686 212 A   B P     
253 O OP1   . A   B 4 ? 0.1577 0.2270 0.2365 0.0045  -0.0411 -0.1212 212 A   B OP1   
254 O OP2   . A   B 4 ? 0.1320 0.3548 0.2304 0.0056  0.0124  -0.0684 212 A   B OP2   
255 O "O5'" . A   B 4 ? 0.0860 0.1303 0.2149 -0.0265 -0.0056 -0.0148 212 A   B "O5'" 
256 C "C5'" . A   B 4 ? 0.1068 0.0956 0.1718 -0.0234 -0.0043 0.0123  212 A   B "C5'" 
257 C "C4'" . A   B 4 ? 0.1118 0.1111 0.1325 -0.0076 -0.0450 -0.0118 212 A   B "C4'" 
258 O "O4'" . A   B 4 ? 0.1593 0.1130 0.1911 -0.0271 -0.0907 0.0140  212 A   B "O4'" 
259 C "C3'" . A   B 4 ? 0.1233 0.0993 0.1558 -0.0092 -0.0522 -0.0031 212 A   B "C3'" 
260 O "O3'" . A   B 4 ? 0.1286 0.1325 0.1231 -0.0224 -0.0399 0.0135  212 A   B "O3'" 
261 C "C2'" . A   B 4 ? 0.1424 0.1097 0.1417 -0.0064 -0.0549 -0.0013 212 A   B "C2'" 
262 O "O2'" . A   B 4 ? 0.1693 0.1399 0.2011 0.0422  -0.0391 -0.0108 212 A   B "O2'" 
263 C "C1'" . A   B 4 ? 0.1541 0.0998 0.1710 -0.0079 -0.0787 -0.0013 212 A   B "C1'" 
264 N N9    . A   B 4 ? 0.1527 0.1052 0.1658 -0.0142 -0.0812 -0.0020 212 A   B N9    
265 C C8    . A   B 4 ? 0.1514 0.0912 0.1830 -0.0069 -0.0823 0.0028  212 A   B C8    
266 N N7    . A   B 4 ? 0.1526 0.1023 0.1895 -0.0147 -0.0736 -0.0224 212 A   B N7    
267 C C5    . A   B 4 ? 0.1315 0.0940 0.1780 -0.0067 -0.0990 -0.0103 212 A   B C5    
268 C C6    . A   B 4 ? 0.1445 0.0883 0.1727 -0.0033 -0.1090 0.0060  212 A   B C6    
269 N N6    . A   B 4 ? 0.1106 0.1371 0.2402 -0.0203 -0.1233 -0.0100 212 A   B N6    
270 N N1    . A   B 4 ? 0.1744 0.0837 0.2222 0.0067  -0.1066 0.0036  212 A   B N1    
271 C C2    . A   B 4 ? 0.1566 0.0911 0.2510 0.0224  -0.1137 -0.0223 212 A   B C2    
272 N N3    . A   B 4 ? 0.1884 0.1105 0.1719 0.0040  -0.0694 -0.0186 212 A   B N3    
273 C C4    . A   B 4 ? 0.1410 0.0943 0.1704 0.0011  -0.0944 -0.0029 212 A   B C4    
274 P P     . UFT B 5 ? 0.1088 0.1623 0.1320 -0.0243 -0.0217 0.0010  213 UFT B P     
275 O OP1   . UFT B 5 ? 0.1274 0.1425 0.1418 -0.0341 -0.0600 0.0315  213 UFT B OP1   
276 O OP2   . UFT B 5 ? 0.1455 0.2006 0.1767 -0.0384 0.0162  -0.0493 213 UFT B OP2   
277 O "O5'" . UFT B 5 ? 0.1320 0.1570 0.1221 -0.0492 -0.0035 0.0257  213 UFT B "O5'" 
278 N N1    . UFT B 5 ? 0.1580 0.1635 0.1557 -0.0637 -0.0226 -0.0293 213 UFT B N1    
279 C C6    . UFT B 5 ? 0.1695 0.1654 0.1772 -0.0421 -0.0038 0.0031  213 UFT B C6    
280 C C2    . UFT B 5 ? 0.1794 0.1873 0.1106 -0.0776 -0.0008 -0.0127 213 UFT B C2    
281 O O2    . UFT B 5 ? 0.2091 0.1747 0.1678 -0.0899 0.0353  -0.0071 213 UFT B O2    
282 N N3    . UFT B 5 ? 0.1592 0.1886 0.1192 -0.0706 -0.0318 0.0341  213 UFT B N3    
283 C C4    . UFT B 5 ? 0.1634 0.2006 0.1744 -0.0581 -0.0121 0.0151  213 UFT B C4    
284 O O4    . UFT B 5 ? 0.1395 0.2495 0.2055 -0.0417 -0.0418 0.0390  213 UFT B O4    
285 C C5    . UFT B 5 ? 0.1511 0.1831 0.1964 -0.0514 -0.0163 -0.0167 213 UFT B C5    
286 F "F2'" . UFT B 5 ? 0.2054 0.1282 0.1357 -0.0492 0.0238  0.0162  213 UFT B "F2'" 
287 C "C2'" . UFT B 5 ? 0.1791 0.1250 0.1325 -0.0509 0.0046  0.0072  213 UFT B "C2'" 
288 C "C5'" . UFT B 5 ? 0.1559 0.1269 0.1140 -0.0354 -0.0064 0.0500  213 UFT B "C5'" 
289 C "C4'" . UFT B 5 ? 0.1861 0.1421 0.0925 -0.0671 -0.0111 0.0158  213 UFT B "C4'" 
290 O "O4'" . UFT B 5 ? 0.1930 0.1916 0.1245 -0.0806 -0.0241 0.0402  213 UFT B "O4'" 
291 C "C1'" . UFT B 5 ? 0.1723 0.1478 0.1317 -0.0570 0.0039  0.0041  213 UFT B "C1'" 
292 C "C3'" . UFT B 5 ? 0.1492 0.1156 0.1170 -0.0459 0.0018  0.0364  213 UFT B "C3'" 
293 O "O3'" . UFT B 5 ? 0.1326 0.1234 0.1103 -0.0359 0.0216  0.0352  213 UFT B "O3'" 
294 P P     . U   B 6 ? 0.1407 0.1098 0.1092 -0.0401 0.0031  0.0128  214 U   B P     
295 O OP1   . U   B 6 ? 0.1411 0.1459 0.1479 -0.0459 -0.0099 0.0067  214 U   B OP1   
296 O OP2   . U   B 6 ? 0.1933 0.0969 0.1314 -0.0193 -0.0037 -0.0117 214 U   B OP2   
297 O "O5'" . U   B 6 ? 0.1121 0.0889 0.1125 -0.0127 0.0068  0.0316  214 U   B "O5'" 
298 C "C5'" . U   B 6 ? 0.0828 0.1064 0.1407 -0.0052 0.0212  0.0140  214 U   B "C5'" 
299 C "C4'" . U   B 6 ? 0.0786 0.0979 0.1008 -0.0052 0.0235  0.0042  214 U   B "C4'" 
300 O "O4'" . U   B 6 ? 0.0956 0.0967 0.1015 -0.0084 0.0117  0.0278  214 U   B "O4'" 
301 C "C3'" . U   B 6 ? 0.0643 0.1135 0.1014 -0.0005 0.0112  0.0102  214 U   B "C3'" 
302 O "O3'" . U   B 6 ? 0.0907 0.1179 0.1001 -0.0042 0.0025  0.0052  214 U   B "O3'" 
303 C "C2'" . U   B 6 ? 0.0865 0.0821 0.1022 -0.0134 0.0082  0.0241  214 U   B "C2'" 
304 O "O2'" . U   B 6 ? 0.0938 0.0938 0.1094 0.0022  -0.0002 0.0278  214 U   B "O2'" 
305 C "C1'" . U   B 6 ? 0.0906 0.0833 0.1057 -0.0095 0.0036  0.0253  214 U   B "C1'" 
306 N N1    . U   B 6 ? 0.0882 0.0881 0.1142 -0.0106 0.0044  0.0152  214 U   B N1    
307 C C2    . U   B 6 ? 0.0860 0.1093 0.0872 -0.0101 -0.0021 0.0225  214 U   B C2    
308 O O2    . U   B 6 ? 0.0852 0.1113 0.1207 -0.0164 0.0040  0.0093  214 U   B O2    
309 N N3    . U   B 6 ? 0.0995 0.1170 0.0846 -0.0020 0.0106  0.0019  214 U   B N3    
310 C C4    . U   B 6 ? 0.1089 0.1154 0.1057 0.0014  0.0038  -0.0013 214 U   B C4    
311 O O4    . U   B 6 ? 0.1171 0.1277 0.1659 0.0171  0.0232  0.0115  214 U   B O4    
312 C C5    . U   B 6 ? 0.1100 0.0936 0.1043 0.0029  0.0138  0.0074  214 U   B C5    
313 C C6    . U   B 6 ? 0.1167 0.0795 0.1423 -0.0008 0.0285  0.0417  214 U   B C6    
314 P P     . CFZ B 7 ? 0.1140 0.2008 0.1000 0.0018  -0.0018 0.0040  215 CFZ B P     
315 N N1    . CFZ B 7 ? 0.1102 0.1183 0.1024 0.0359  0.0400  0.0459  215 CFZ B N1    
316 C C2    . CFZ B 7 ? 0.1168 0.0924 0.1015 0.0252  0.0103  0.0011  215 CFZ B C2    
317 O O2    . CFZ B 7 ? 0.1108 0.1033 0.0869 0.0156  0.0015  0.0074  215 CFZ B O2    
318 N N3    . CFZ B 7 ? 0.1416 0.0910 0.0828 0.0351  0.0169  0.0078  215 CFZ B N3    
319 C C4    . CFZ B 7 ? 0.1363 0.0962 0.0876 0.0305  0.0410  0.0064  215 CFZ B C4    
320 N N4    . CFZ B 7 ? 0.1390 0.0964 0.1453 0.0295  0.0283  0.0323  215 CFZ B N4    
321 C C5    . CFZ B 7 ? 0.1386 0.1079 0.1186 0.0361  0.0061  -0.0111 215 CFZ B C5    
322 C C6    . CFZ B 7 ? 0.1244 0.1057 0.1214 0.0281  0.0454  -0.0250 215 CFZ B C6    
323 C "C1'" . CFZ B 7 ? 0.1235 0.1138 0.1104 0.0377  0.0441  0.0323  215 CFZ B "C1'" 
324 O O1P   . CFZ B 7 ? 0.1094 0.4974 0.1281 0.0412  -0.0192 0.0625  215 CFZ B O1P   
325 C "C2'" . CFZ B 7 ? 0.1029 0.1127 0.1045 -0.0155 0.0196  0.0472  215 CFZ B "C2'" 
326 F "F2'" . CFZ B 7 ? 0.1279 0.1290 0.1615 0.0233  0.0395  0.0552  215 CFZ B "F2'" 
327 O O2P   . CFZ B 7 ? 0.2189 0.2136 0.1686 -0.0641 0.0368  -0.1002 215 CFZ B O2P   
328 C "C3'" . CFZ B 7 ? 0.1023 0.1673 0.1225 -0.0057 0.0363  0.0701  215 CFZ B "C3'" 
329 O "O3'" . CFZ B 7 ? 0.1095 0.3155 0.1605 0.0713  0.0304  0.1205  215 CFZ B "O3'" 
330 C "C4'" . CFZ B 7 ? 0.1257 0.1313 0.1481 0.0343  0.0380  0.0628  215 CFZ B "C4'" 
331 O "O4'" . CFZ B 7 ? 0.1204 0.1194 0.1162 0.0327  0.0486  0.0413  215 CFZ B "O4'" 
332 C "C5'" . CFZ B 7 ? 0.1189 0.1651 0.1458 0.0348  0.0390  0.0060  215 CFZ B "C5'" 
333 O "O5'" . CFZ B 7 ? 0.1107 0.1672 0.0965 0.0262  0.0139  0.0124  215 CFZ B "O5'" 
334 P P     . G   B 8 ? 0.1236 0.4071 0.1336 -0.0116 -0.0120 0.1142  216 G   B P     
335 O OP1   . G   B 8 ? 0.1230 0.6071 0.2037 0.0745  0.0179  0.2322  216 G   B OP1   
336 O OP2   . G   B 8 ? 0.1758 0.5560 0.1469 -0.1580 -0.0310 0.0803  216 G   B OP2   
337 O "O5'" . G   B 8 ? 0.1273 0.1862 0.0981 -0.0260 -0.0044 0.0388  216 G   B "O5'" 
338 C "C5'" . G   B 8 ? 0.1250 0.1151 0.1068 0.0193  0.0059  0.0190  216 G   B "C5'" 
339 C "C4'" . G   B 8 ? 0.1195 0.1316 0.0628 0.0195  0.0192  0.0075  216 G   B "C4'" 
340 O "O4'" . G   B 8 ? 0.1532 0.1003 0.0830 0.0306  0.0055  -0.0001 216 G   B "O4'" 
341 C "C3'" . G   B 8 ? 0.1628 0.1300 0.0830 0.0117  0.0194  -0.0064 216 G   B "C3'" 
342 O "O3'" . G   B 8 ? 0.1699 0.1729 0.0695 -0.0044 -0.0068 0.0004  216 G   B "O3'" 
343 C "C2'" . G   B 8 ? 0.1758 0.0985 0.0850 0.0117  0.0167  -0.0073 216 G   B "C2'" 
344 O "O2'" . G   B 8 ? 0.1595 0.1416 0.1287 0.0255  0.0478  0.0202  216 G   B "O2'" 
345 C "C1'" . G   B 8 ? 0.1455 0.0964 0.0940 0.0143  0.0240  -0.0011 216 G   B "C1'" 
346 N N9    . G   B 8 ? 0.1416 0.1016 0.1016 0.0226  0.0231  0.0149  216 G   B N9    
347 C C8    . G   B 8 ? 0.1509 0.0957 0.0994 0.0205  0.0466  -0.0082 216 G   B C8    
348 N N7    . G   B 8 ? 0.1638 0.0757 0.2033 0.0102  0.0479  -0.0248 216 G   B N7    
349 C C5    . G   B 8 ? 0.1729 0.0830 0.1165 0.0215  0.0488  -0.0229 216 G   B C5    
350 C C6    . G   B 8 ? 0.1776 0.0884 0.0928 0.0175  0.0060  -0.0214 216 G   B C6    
351 O O6    . G   B 8 ? 0.1894 0.0958 0.1150 0.0272  0.0248  -0.0084 216 G   B O6    
352 N N1    . G   B 8 ? 0.1815 0.1318 0.0909 0.0341  0.0141  0.0030  216 G   B N1    
353 C C2    . G   B 8 ? 0.1531 0.1275 0.0992 0.0428  0.0066  -0.0111 216 G   B C2    
354 N N2    . G   B 8 ? 0.1620 0.1596 0.1704 0.0668  0.0247  0.0080  216 G   B N2    
355 N N3    . G   B 8 ? 0.1526 0.1281 0.0633 0.0432  0.0238  -0.0023 216 G   B N3    
356 C C4    . G   B 8 ? 0.1459 0.1020 0.0953 0.0243  0.0104  0.0092  216 G   B C4    
# 
